data_2ITM
#
_entry.id   2ITM
#
_cell.length_a   61.883
_cell.length_b   112.605
_cell.length_c   143.073
_cell.angle_alpha   90.00
_cell.angle_beta   90.00
_cell.angle_gamma   90.00
#
_symmetry.space_group_name_H-M   'P 21 21 21'
#
loop_
_entity.id
_entity.type
_entity.pdbx_description
1 polymer 'Xylulose kinase'
2 non-polymer D-XYLULOSE
3 non-polymer 'SULFATE ION'
4 non-polymer 'AMMONIUM ION'
5 water water
#
_entity_poly.entity_id   1
_entity_poly.type   'polypeptide(L)'
_entity_poly.pdbx_seq_one_letter_code
;MYIGIDLGTSGVKVILLNEQGEVVAAQTEKLTVSRPHPLWSEQDPEQWWQATDRAMKALGDQHSLQDVKALGIAGQMHGA
TLLDAQQRVLRPAILWNDGRCAQECTLLEARVPQSRVITGNLMMPGFTAPKLLWVQRHEPEIFRQIDKVLLPKDYLRLRM
TGEFASDMSDAAGTMWLDVAKRDWSDVMLQACDLSRDQMPALYEGSEITGALLPEVAKAWGMATVPVVAGGGDNAAGAVG
VGMVDANQAMLSLGTSGVYFAVSEGFLSKPESAVHSFCHALPQRWHLMSVMLSAASCLDWAAKLTGLSNVPALIAAAQQA
DESAEPVWFLPYLSGERTPHNNPQAKGVFFGLTHQHGPNELARAVLEGVGYALADGMDVVHACGIKPQSVTLIGGGARSE
YWRQMLADISGQQLDYRTGGDVGPALGAARLAQIAANPEKSLIELLPQLPLEQSHLPDAQRYAAYQPRRETFRRLYQQLL
PLMA
;
_entity_poly.pdbx_strand_id   A,B
#
loop_
_chem_comp.id
_chem_comp.type
_chem_comp.name
_chem_comp.formula
NH4 non-polymer 'AMMONIUM ION' 'H4 N 1'
SO4 non-polymer 'SULFATE ION' 'O4 S -2'
XUL D-saccharide D-XYLULOSE 'C5 H10 O5'
#
# COMPACT_ATOMS: atom_id res chain seq x y z
N MET A 1 -7.07 -35.66 40.93
CA MET A 1 -7.29 -34.74 39.83
C MET A 1 -6.59 -33.42 40.08
N TYR A 2 -6.59 -32.55 39.08
CA TYR A 2 -5.88 -31.30 39.13
C TYR A 2 -6.64 -30.15 38.46
N ILE A 3 -6.47 -28.95 39.00
CA ILE A 3 -6.97 -27.72 38.39
C ILE A 3 -5.83 -26.81 37.93
N GLY A 4 -5.96 -26.30 36.72
CA GLY A 4 -5.21 -25.15 36.26
C GLY A 4 -6.10 -23.97 35.94
N ILE A 5 -5.71 -22.80 36.47
CA ILE A 5 -6.33 -21.53 36.14
C ILE A 5 -5.39 -20.65 35.33
N ASP A 6 -5.92 -20.06 34.26
CA ASP A 6 -5.19 -19.06 33.50
C ASP A 6 -5.93 -17.74 33.46
N LEU A 7 -5.40 -16.77 34.19
CA LEU A 7 -5.87 -15.41 34.15
C LEU A 7 -5.26 -14.68 32.96
N GLY A 8 -6.01 -14.67 31.87
CA GLY A 8 -5.61 -13.94 30.69
C GLY A 8 -6.00 -12.50 30.75
N THR A 9 -5.84 -11.81 29.62
CA THR A 9 -6.29 -10.44 29.51
C THR A 9 -7.76 -10.37 29.11
N SER A 10 -8.17 -11.24 28.21
CA SER A 10 -9.48 -11.14 27.62
C SER A 10 -10.44 -12.15 28.19
N GLY A 11 -9.94 -12.97 29.09
CA GLY A 11 -10.75 -13.87 29.88
C GLY A 11 -9.99 -14.76 30.84
N VAL A 12 -10.72 -15.48 31.68
CA VAL A 12 -10.16 -16.60 32.43
C VAL A 12 -10.54 -17.97 31.91
N LYS A 13 -9.58 -18.87 31.95
CA LYS A 13 -9.81 -20.25 31.60
C LYS A 13 -9.42 -21.14 32.77
N VAL A 14 -10.33 -22.06 33.14
CA VAL A 14 -10.03 -23.11 34.09
C VAL A 14 -10.17 -24.49 33.49
N ILE A 15 -9.26 -25.38 33.85
CA ILE A 15 -9.30 -26.76 33.37
C ILE A 15 -9.21 -27.79 34.49
N LEU A 16 -9.73 -28.96 34.20
CA LEU A 16 -9.68 -30.09 35.11
C LEU A 16 -8.88 -31.21 34.48
N LEU A 17 -7.74 -31.56 35.08
CA LEU A 17 -6.92 -32.65 34.60
C LEU A 17 -7.19 -33.89 35.42
N ASN A 18 -7.23 -35.04 34.75
CA ASN A 18 -7.27 -36.31 35.43
C ASN A 18 -5.92 -36.81 35.94
N GLU A 19 -5.93 -37.94 36.61
CA GLU A 19 -4.70 -38.56 37.07
C GLU A 19 -3.70 -38.73 35.95
N GLN A 20 -4.18 -39.09 34.77
CA GLN A 20 -3.31 -39.37 33.65
C GLN A 20 -2.84 -38.11 32.95
N GLY A 21 -3.28 -36.95 33.44
CA GLY A 21 -2.84 -35.69 32.90
C GLY A 21 -3.63 -35.21 31.70
N GLU A 22 -4.84 -35.74 31.54
CA GLU A 22 -5.71 -35.31 30.45
C GLU A 22 -6.73 -34.27 30.91
N VAL A 23 -7.10 -33.43 29.97
CA VAL A 23 -8.12 -32.46 30.23
C VAL A 23 -9.45 -33.20 30.22
N VAL A 24 -10.16 -33.08 31.31
CA VAL A 24 -11.41 -33.74 31.55
C VAL A 24 -12.56 -32.76 31.42
N ALA A 25 -12.26 -31.49 31.65
CA ALA A 25 -13.24 -30.43 31.57
C ALA A 25 -12.57 -29.06 31.53
N ALA A 26 -13.21 -28.12 30.87
CA ALA A 26 -12.74 -26.76 30.73
C ALA A 26 -13.87 -25.78 30.87
N GLN A 27 -13.52 -24.56 31.22
CA GLN A 27 -14.47 -23.52 31.37
C GLN A 27 -13.82 -22.17 31.18
N THR A 28 -14.49 -21.29 30.45
CA THR A 28 -14.00 -19.95 30.17
C THR A 28 -14.96 -18.84 30.54
N GLU A 29 -14.41 -17.72 30.96
CA GLU A 29 -15.22 -16.55 31.27
C GLU A 29 -14.56 -15.30 30.75
N LYS A 30 -15.35 -14.41 30.18
CA LYS A 30 -14.82 -13.24 29.52
C LYS A 30 -14.45 -12.15 30.50
N LEU A 31 -13.54 -11.29 30.06
CA LEU A 31 -13.10 -10.14 30.81
C LEU A 31 -13.14 -8.91 29.91
N THR A 32 -13.56 -7.77 30.44
CA THR A 32 -13.35 -6.51 29.73
C THR A 32 -12.05 -5.81 30.10
N VAL A 33 -11.63 -4.91 29.22
CA VAL A 33 -10.51 -4.03 29.50
C VAL A 33 -10.97 -2.59 29.40
N SER A 34 -10.35 -1.74 30.19
CA SER A 34 -10.78 -0.37 30.30
C SER A 34 -9.65 0.57 29.90
N ARG A 35 -9.95 1.48 29.00
CA ARG A 35 -8.98 2.39 28.42
C ARG A 35 -9.40 3.84 28.62
N PRO A 36 -9.23 4.34 29.82
CA PRO A 36 -9.72 5.68 30.15
C PRO A 36 -9.00 6.77 29.38
N HIS A 37 -7.79 6.49 28.94
CA HIS A 37 -7.01 7.45 28.18
C HIS A 37 -6.20 6.72 27.16
N PRO A 38 -5.82 7.42 26.10
CA PRO A 38 -4.85 6.88 25.15
C PRO A 38 -3.62 6.31 25.86
N LEU A 39 -3.29 5.08 25.53
CA LEU A 39 -2.15 4.39 26.11
C LEU A 39 -2.43 3.76 27.46
N TRP A 40 -3.66 3.89 27.94
CA TRP A 40 -4.01 3.30 29.22
C TRP A 40 -4.72 1.98 28.97
N SER A 41 -4.32 0.98 29.73
CA SER A 41 -4.92 -0.33 29.69
C SER A 41 -5.04 -0.86 31.10
N GLU A 42 -6.27 -0.96 31.58
CA GLU A 42 -6.49 -1.24 32.98
C GLU A 42 -7.60 -2.28 33.16
N GLN A 43 -7.53 -2.99 34.27
CA GLN A 43 -8.63 -3.84 34.72
C GLN A 43 -8.83 -3.72 36.22
N ASP A 44 -10.07 -3.95 36.64
CA ASP A 44 -10.41 -3.98 38.06
C ASP A 44 -10.19 -5.38 38.63
N PRO A 45 -9.29 -5.47 39.59
CA PRO A 45 -8.84 -6.78 40.07
C PRO A 45 -10.01 -7.57 40.61
N GLU A 46 -11.05 -6.88 41.04
CA GLU A 46 -12.27 -7.54 41.43
C GLU A 46 -12.94 -8.33 40.30
N GLN A 47 -12.87 -7.79 39.09
CA GLN A 47 -13.35 -8.50 37.92
C GLN A 47 -12.58 -9.80 37.66
N TRP A 48 -11.30 -9.85 38.00
CA TRP A 48 -10.54 -11.09 37.93
C TRP A 48 -11.15 -12.14 38.83
N TRP A 49 -11.51 -11.74 40.03
CA TRP A 49 -12.00 -12.70 40.99
C TRP A 49 -13.37 -13.18 40.59
N GLN A 50 -14.28 -12.26 40.32
CA GLN A 50 -15.63 -12.63 39.95
C GLN A 50 -15.62 -13.56 38.74
N ALA A 51 -14.76 -13.28 37.77
CA ALA A 51 -14.63 -14.13 36.62
C ALA A 51 -14.15 -15.52 36.98
N THR A 52 -13.15 -15.59 37.85
CA THR A 52 -12.58 -16.87 38.24
C THR A 52 -13.57 -17.70 39.05
N ASP A 53 -14.29 -17.03 39.94
CA ASP A 53 -15.34 -17.67 40.73
C ASP A 53 -16.42 -18.31 39.85
N ARG A 54 -17.02 -17.50 39.00
CA ARG A 54 -17.93 -17.95 37.97
C ARG A 54 -17.44 -19.20 37.24
N ALA A 55 -16.23 -19.12 36.71
CA ALA A 55 -15.67 -20.18 35.92
C ALA A 55 -15.54 -21.49 36.69
N MET A 56 -15.07 -21.39 37.92
CA MET A 56 -14.83 -22.55 38.73
C MET A 56 -16.15 -23.17 39.17
N LYS A 57 -17.15 -22.32 39.36
CA LYS A 57 -18.48 -22.78 39.66
C LYS A 57 -19.10 -23.49 38.47
N ALA A 58 -18.93 -22.93 37.29
CA ALA A 58 -19.39 -23.58 36.08
C ALA A 58 -18.69 -24.90 35.83
N LEU A 59 -17.39 -24.93 36.06
CA LEU A 59 -16.61 -26.15 35.90
C LEU A 59 -17.22 -27.26 36.72
N GLY A 60 -17.65 -26.92 37.92
CA GLY A 60 -18.04 -27.88 38.91
C GLY A 60 -19.38 -28.48 38.58
N ASP A 61 -20.23 -27.72 37.92
CA ASP A 61 -21.46 -28.23 37.34
C ASP A 61 -21.18 -29.37 36.37
N GLN A 62 -20.23 -29.14 35.48
CA GLN A 62 -19.80 -30.13 34.52
C GLN A 62 -19.29 -31.37 35.21
N HIS A 63 -18.44 -31.15 36.20
CA HIS A 63 -17.78 -32.25 36.87
C HIS A 63 -17.36 -31.88 38.28
N SER A 64 -17.59 -32.80 39.20
CA SER A 64 -17.17 -32.61 40.58
C SER A 64 -15.68 -32.37 40.73
N LEU A 65 -15.36 -31.45 41.62
CA LEU A 65 -13.99 -31.07 41.87
C LEU A 65 -13.53 -31.60 43.22
N GLN A 66 -14.35 -32.45 43.81
CA GLN A 66 -14.09 -32.95 45.15
C GLN A 66 -12.88 -33.87 45.21
N ASP A 67 -12.41 -34.33 44.06
CA ASP A 67 -11.22 -35.18 44.02
C ASP A 67 -9.97 -34.48 43.49
N VAL A 68 -10.03 -33.17 43.32
CA VAL A 68 -8.85 -32.38 43.05
C VAL A 68 -7.87 -32.42 44.22
N LYS A 69 -6.60 -32.61 43.90
CA LYS A 69 -5.57 -32.80 44.89
C LYS A 69 -4.61 -31.62 44.97
N ALA A 70 -4.47 -30.89 43.87
CA ALA A 70 -3.71 -29.65 43.86
C ALA A 70 -4.20 -28.67 42.81
N LEU A 71 -3.88 -27.41 43.01
CA LEU A 71 -4.29 -26.34 42.11
C LEU A 71 -3.17 -25.38 41.71
N GLY A 72 -3.11 -25.07 40.43
CA GLY A 72 -2.14 -24.14 39.89
C GLY A 72 -2.76 -22.93 39.19
N ILE A 73 -2.02 -21.84 39.19
CA ILE A 73 -2.40 -20.64 38.46
C ILE A 73 -1.32 -20.15 37.50
N ALA A 74 -1.77 -19.58 36.39
CA ALA A 74 -0.94 -18.76 35.53
C ALA A 74 -1.67 -17.48 35.14
N GLY A 75 -0.94 -16.52 34.59
CA GLY A 75 -1.44 -15.17 34.45
C GLY A 75 -0.72 -14.29 33.44
N GLN A 76 -1.49 -13.41 32.83
CA GLN A 76 -0.96 -12.23 32.18
C GLN A 76 0.13 -11.57 33.03
N MET A 77 1.27 -11.34 32.41
CA MET A 77 2.46 -10.92 33.12
C MET A 77 2.44 -9.42 33.38
N HIS A 78 3.27 -8.97 34.31
CA HIS A 78 3.66 -7.56 34.40
C HIS A 78 2.62 -6.56 34.88
N GLY A 79 1.41 -7.03 35.18
CA GLY A 79 0.33 -6.19 35.64
C GLY A 79 0.63 -5.70 37.05
N ALA A 80 0.46 -4.40 37.27
CA ALA A 80 0.70 -3.82 38.58
C ALA A 80 -0.58 -3.69 39.43
N THR A 81 -0.69 -4.54 40.43
CA THR A 81 -1.75 -4.46 41.40
C THR A 81 -1.27 -3.83 42.72
N LEU A 82 -1.82 -2.67 43.03
CA LEU A 82 -1.42 -1.91 44.20
C LEU A 82 -2.38 -2.05 45.37
N LEU A 83 -1.89 -2.59 46.47
CA LEU A 83 -2.69 -2.80 47.66
C LEU A 83 -2.20 -1.93 48.81
N ASP A 84 -3.13 -1.42 49.60
CA ASP A 84 -2.81 -0.87 50.89
C ASP A 84 -2.62 -1.88 51.99
N ALA A 85 -2.41 -1.38 53.19
CA ALA A 85 -2.10 -2.20 54.35
C ALA A 85 -3.28 -3.02 54.79
N GLN A 86 -4.46 -2.67 54.33
CA GLN A 86 -5.64 -3.47 54.57
C GLN A 86 -5.99 -4.39 53.40
N GLN A 87 -5.09 -4.47 52.42
CA GLN A 87 -5.35 -5.24 51.22
C GLN A 87 -6.50 -4.67 50.42
N ARG A 88 -6.74 -3.38 50.63
CA ARG A 88 -7.60 -2.61 49.76
C ARG A 88 -6.92 -2.34 48.43
N VAL A 89 -7.65 -2.53 47.36
CA VAL A 89 -7.18 -2.17 46.03
C VAL A 89 -7.17 -0.66 45.82
N LEU A 90 -5.97 -0.14 45.64
CA LEU A 90 -5.71 1.28 45.70
C LEU A 90 -6.12 1.97 44.39
N ARG A 91 -5.81 1.33 43.27
CA ARG A 91 -6.22 1.77 41.96
C ARG A 91 -6.40 0.60 41.02
N PRO A 92 -6.95 0.85 39.84
CA PRO A 92 -7.09 -0.22 38.87
C PRO A 92 -5.74 -0.76 38.41
N ALA A 93 -5.69 -2.05 38.09
CA ALA A 93 -4.47 -2.67 37.63
C ALA A 93 -3.98 -2.09 36.31
N ILE A 94 -2.73 -1.71 36.28
CA ILE A 94 -2.08 -1.23 35.06
C ILE A 94 -1.42 -2.37 34.30
N LEU A 95 -1.97 -2.72 33.16
CA LEU A 95 -1.63 -3.97 32.50
C LEU A 95 -0.34 -3.96 31.67
N TRP A 96 0.04 -5.14 31.19
CA TRP A 96 1.22 -5.32 30.37
C TRP A 96 1.17 -4.50 29.09
N ASN A 97 -0.03 -4.32 28.53
CA ASN A 97 -0.20 -3.57 27.30
C ASN A 97 -0.55 -2.09 27.51
N ASP A 98 -0.38 -1.62 28.72
CA ASP A 98 -0.39 -0.20 29.04
C ASP A 98 0.92 0.45 28.62
N GLY A 99 0.82 1.63 28.00
CA GLY A 99 1.99 2.35 27.54
C GLY A 99 2.15 3.74 28.05
N ARG A 100 1.67 3.98 29.27
CA ARG A 100 1.69 5.32 29.83
C ARG A 100 3.02 5.76 30.40
N CYS A 101 3.96 4.84 30.61
CA CYS A 101 5.16 5.15 31.38
C CYS A 101 6.50 5.09 30.65
N ALA A 102 6.50 5.41 29.37
CA ALA A 102 7.74 5.45 28.61
C ALA A 102 8.82 6.32 29.24
N GLN A 103 8.44 7.50 29.69
CA GLN A 103 9.38 8.45 30.28
C GLN A 103 10.08 7.82 31.48
N GLU A 104 9.29 7.16 32.31
CA GLU A 104 9.76 6.51 33.49
C GLU A 104 10.70 5.37 33.16
N CYS A 105 10.51 4.75 32.02
CA CYS A 105 11.37 3.69 31.60
C CYS A 105 12.79 4.23 31.42
N THR A 106 12.90 5.39 30.80
CA THR A 106 14.18 6.04 30.54
C THR A 106 14.79 6.50 31.84
N LEU A 107 13.98 7.09 32.67
CA LEU A 107 14.45 7.57 33.95
C LEU A 107 15.08 6.46 34.77
N LEU A 108 14.40 5.34 34.80
CA LEU A 108 14.86 4.22 35.57
C LEU A 108 16.17 3.69 35.08
N GLU A 109 16.36 3.63 33.80
CA GLU A 109 17.60 3.13 33.23
C GLU A 109 18.75 4.08 33.45
N ALA A 110 18.43 5.36 33.57
CA ALA A 110 19.42 6.36 33.85
C ALA A 110 19.81 6.24 35.31
N ARG A 111 18.81 6.08 36.16
CA ARG A 111 19.01 5.92 37.58
C ARG A 111 19.80 4.68 37.90
N VAL A 112 19.49 3.57 37.29
CA VAL A 112 20.21 2.34 37.56
C VAL A 112 20.96 1.84 36.37
N PRO A 113 22.14 2.39 36.20
CA PRO A 113 23.06 2.11 35.11
C PRO A 113 23.23 0.64 34.83
N GLN A 114 23.17 -0.14 35.88
CA GLN A 114 23.31 -1.55 35.72
C GLN A 114 21.99 -2.30 35.63
N SER A 115 20.93 -1.58 35.42
CA SER A 115 19.66 -2.23 35.33
C SER A 115 19.54 -3.33 34.33
N ARG A 116 20.08 -3.18 33.13
CA ARG A 116 20.00 -4.24 32.14
C ARG A 116 20.82 -5.44 32.57
N VAL A 117 21.82 -5.22 33.39
CA VAL A 117 22.66 -6.31 33.88
C VAL A 117 21.94 -7.13 34.95
N ILE A 118 21.22 -6.44 35.82
CA ILE A 118 20.49 -7.07 36.89
C ILE A 118 19.23 -7.72 36.40
N THR A 119 18.47 -7.08 35.53
CA THR A 119 17.22 -7.66 35.05
C THR A 119 17.38 -8.59 33.88
N GLY A 120 18.45 -8.42 33.11
CA GLY A 120 18.64 -9.17 31.88
C GLY A 120 17.74 -8.67 30.77
N ASN A 121 17.17 -7.50 30.98
CA ASN A 121 16.21 -6.96 30.05
C ASN A 121 16.40 -5.48 29.77
N LEU A 122 15.96 -5.07 28.60
CA LEU A 122 15.68 -3.67 28.36
C LEU A 122 14.33 -3.27 28.90
N MET A 123 14.28 -2.10 29.49
CA MET A 123 13.13 -1.65 30.22
C MET A 123 12.01 -1.27 29.27
N MET A 124 10.83 -1.80 29.54
CA MET A 124 9.67 -1.53 28.74
C MET A 124 8.53 -1.02 29.61
N PRO A 125 7.65 -0.23 29.03
CA PRO A 125 6.59 0.45 29.77
C PRO A 125 5.57 -0.55 30.26
N GLY A 126 5.52 -1.70 29.61
CA GLY A 126 4.67 -2.80 30.01
C GLY A 126 5.13 -3.48 31.29
N PHE A 127 6.39 -3.30 31.64
CA PHE A 127 6.95 -3.89 32.84
C PHE A 127 6.54 -3.15 34.10
N THR A 128 6.59 -3.84 35.22
CA THR A 128 5.93 -3.40 36.43
C THR A 128 6.61 -2.16 37.04
N ALA A 129 7.94 -2.21 37.10
CA ALA A 129 8.71 -1.20 37.80
C ALA A 129 8.47 0.25 37.39
N PRO A 130 8.56 0.55 36.10
CA PRO A 130 8.27 1.89 35.63
C PRO A 130 6.85 2.35 35.92
N LYS A 131 5.92 1.43 35.94
CA LYS A 131 4.54 1.72 36.28
C LYS A 131 4.45 2.36 37.64
N LEU A 132 5.27 1.87 38.56
CA LEU A 132 5.25 2.39 39.91
C LEU A 132 5.90 3.75 40.10
N LEU A 133 6.97 4.00 39.35
CA LEU A 133 7.50 5.35 39.24
C LEU A 133 6.46 6.34 38.72
N TRP A 134 5.70 5.94 37.70
CA TRP A 134 4.64 6.79 37.18
C TRP A 134 3.60 7.13 38.23
N VAL A 135 3.14 6.14 38.97
CA VAL A 135 2.22 6.39 40.06
C VAL A 135 2.81 7.32 41.11
N GLN A 136 4.05 7.06 41.51
CA GLN A 136 4.74 7.97 42.41
C GLN A 136 4.70 9.40 41.91
N ARG A 137 4.89 9.57 40.61
CA ARG A 137 5.10 10.88 40.01
C ARG A 137 3.78 11.55 39.71
N HIS A 138 2.77 10.76 39.39
CA HIS A 138 1.51 11.29 38.95
C HIS A 138 0.38 11.12 39.97
N GLU A 139 0.55 10.19 40.89
CA GLU A 139 -0.46 9.92 41.91
C GLU A 139 0.15 9.71 43.29
N PRO A 140 0.84 10.73 43.79
CA PRO A 140 1.65 10.58 45.00
C PRO A 140 0.80 10.15 46.20
N GLU A 141 -0.46 10.55 46.18
CA GLU A 141 -1.40 10.21 47.22
C GLU A 141 -1.65 8.72 47.29
N ILE A 142 -1.78 8.10 46.13
CA ILE A 142 -1.82 6.65 46.01
C ILE A 142 -0.53 5.99 46.45
N PHE A 143 0.59 6.46 45.92
CA PHE A 143 1.89 5.87 46.24
C PHE A 143 2.14 5.78 47.73
N ARG A 144 1.81 6.86 48.42
CA ARG A 144 1.94 6.97 49.87
C ARG A 144 1.29 5.80 50.61
N GLN A 145 0.27 5.20 50.01
CA GLN A 145 -0.53 4.17 50.67
C GLN A 145 -0.14 2.72 50.31
N ILE A 146 0.86 2.56 49.46
CA ILE A 146 1.21 1.24 48.95
C ILE A 146 1.84 0.36 50.02
N ASP A 147 1.23 -0.80 50.26
CA ASP A 147 1.80 -1.79 51.16
C ASP A 147 2.31 -2.97 50.39
N LYS A 148 1.67 -3.23 49.26
CA LYS A 148 1.93 -4.42 48.48
C LYS A 148 1.69 -4.17 47.00
N VAL A 149 2.58 -4.71 46.18
CA VAL A 149 2.44 -4.78 44.75
C VAL A 149 2.37 -6.23 44.27
N LEU A 150 1.24 -6.59 43.68
CA LEU A 150 1.05 -7.96 43.22
C LEU A 150 0.83 -8.01 41.72
N LEU A 151 1.47 -8.98 41.08
CA LEU A 151 1.08 -9.35 39.74
C LEU A 151 -0.33 -9.93 39.73
N PRO A 152 -0.92 -10.02 38.57
CA PRO A 152 -2.36 -10.27 38.48
C PRO A 152 -2.77 -11.64 39.01
N LYS A 153 -2.06 -12.69 38.60
CA LYS A 153 -2.36 -14.03 39.07
C LYS A 153 -2.11 -14.17 40.57
N ASP A 154 -1.16 -13.40 41.06
CA ASP A 154 -0.79 -13.40 42.45
C ASP A 154 -1.83 -12.69 43.33
N TYR A 155 -2.50 -11.70 42.78
CA TYR A 155 -3.64 -11.12 43.47
C TYR A 155 -4.72 -12.18 43.63
N LEU A 156 -4.93 -12.92 42.56
CA LEU A 156 -5.77 -14.09 42.56
C LEU A 156 -5.43 -15.10 43.66
N ARG A 157 -4.15 -15.44 43.78
CA ARG A 157 -3.70 -16.29 44.85
C ARG A 157 -4.11 -15.79 46.23
N LEU A 158 -3.83 -14.52 46.50
CA LEU A 158 -4.18 -13.90 47.78
C LEU A 158 -5.68 -14.02 48.09
N ARG A 159 -6.51 -13.75 47.10
CA ARG A 159 -7.94 -13.96 47.22
C ARG A 159 -8.35 -15.42 47.47
N MET A 160 -7.57 -16.35 46.93
CA MET A 160 -7.83 -17.76 47.10
C MET A 160 -7.22 -18.38 48.36
N THR A 161 -6.11 -17.82 48.83
CA THR A 161 -5.32 -18.43 49.90
C THR A 161 -5.06 -17.56 51.10
N GLY A 162 -5.19 -16.26 50.92
CA GLY A 162 -4.75 -15.29 51.91
C GLY A 162 -3.25 -15.12 52.04
N GLU A 163 -2.48 -15.67 51.11
CA GLU A 163 -1.03 -15.54 51.15
C GLU A 163 -0.54 -14.53 50.11
N PHE A 164 0.60 -13.91 50.37
CA PHE A 164 1.29 -13.06 49.42
C PHE A 164 2.48 -13.81 48.82
N ALA A 165 2.34 -14.27 47.59
CA ALA A 165 3.39 -15.06 46.96
C ALA A 165 3.41 -14.95 45.44
N SER A 166 4.60 -15.07 44.87
CA SER A 166 4.77 -15.23 43.44
C SER A 166 5.80 -16.29 43.07
N ASP A 167 5.94 -16.49 41.77
CA ASP A 167 6.97 -17.36 41.23
C ASP A 167 8.04 -16.59 40.47
N MET A 168 9.16 -17.25 40.22
CA MET A 168 10.31 -16.63 39.59
C MET A 168 10.07 -16.11 38.16
N SER A 169 9.21 -16.78 37.41
CA SER A 169 8.92 -16.40 36.05
C SER A 169 8.08 -15.13 35.95
N ASP A 170 7.08 -15.02 36.79
CA ASP A 170 6.28 -13.82 36.83
C ASP A 170 7.06 -12.67 37.48
N ALA A 171 7.75 -12.97 38.59
CA ALA A 171 8.56 -12.00 39.30
C ALA A 171 9.66 -11.38 38.43
N ALA A 172 10.26 -12.19 37.57
CA ALA A 172 11.25 -11.68 36.66
C ALA A 172 10.71 -10.53 35.81
N GLY A 173 9.43 -10.60 35.48
CA GLY A 173 8.79 -9.60 34.67
C GLY A 173 8.53 -8.25 35.31
N THR A 174 8.82 -8.12 36.60
CA THR A 174 8.59 -6.87 37.30
C THR A 174 9.66 -5.83 37.01
N MET A 175 10.87 -6.32 36.74
CA MET A 175 12.09 -5.56 36.77
C MET A 175 12.60 -5.21 38.15
N TRP A 176 12.09 -5.87 39.17
CA TRP A 176 12.65 -5.73 40.50
C TRP A 176 13.46 -6.95 40.86
N LEU A 177 13.34 -8.00 40.05
CA LEU A 177 14.06 -9.25 40.30
C LEU A 177 15.47 -9.30 39.73
N ASP A 178 16.38 -9.77 40.56
CA ASP A 178 17.68 -10.20 40.06
C ASP A 178 17.60 -11.58 39.46
N VAL A 179 17.59 -11.65 38.14
CA VAL A 179 17.19 -12.84 37.44
C VAL A 179 18.22 -13.97 37.57
N ALA A 180 19.49 -13.60 37.62
CA ALA A 180 20.57 -14.52 37.94
C ALA A 180 20.40 -15.18 39.30
N LYS A 181 20.00 -14.39 40.28
CA LYS A 181 20.02 -14.83 41.69
C LYS A 181 18.68 -15.35 42.17
N ARG A 182 17.67 -15.25 41.33
CA ARG A 182 16.34 -15.72 41.67
C ARG A 182 15.85 -15.09 42.97
N ASP A 183 16.13 -13.80 43.13
CA ASP A 183 15.78 -13.07 44.32
C ASP A 183 15.64 -11.58 43.99
N TRP A 184 14.87 -10.86 44.79
CA TRP A 184 14.69 -9.43 44.59
C TRP A 184 16.02 -8.68 44.56
N SER A 185 16.03 -7.58 43.83
CA SER A 185 17.19 -6.70 43.74
C SER A 185 16.98 -5.41 44.51
N ASP A 186 17.72 -5.27 45.60
CA ASP A 186 17.59 -4.13 46.48
C ASP A 186 17.81 -2.84 45.71
N VAL A 187 18.76 -2.87 44.79
CA VAL A 187 19.06 -1.75 43.93
C VAL A 187 17.85 -1.31 43.12
N MET A 188 17.20 -2.27 42.49
CA MET A 188 16.09 -1.96 41.61
C MET A 188 14.89 -1.42 42.41
N LEU A 189 14.70 -1.95 43.63
CA LEU A 189 13.58 -1.59 44.48
C LEU A 189 13.75 -0.22 45.08
N GLN A 190 14.91 0.01 45.67
CA GLN A 190 15.26 1.33 46.16
C GLN A 190 15.01 2.41 45.12
N ALA A 191 15.44 2.15 43.91
CA ALA A 191 15.36 3.13 42.81
C ALA A 191 13.93 3.50 42.51
N CYS A 192 13.01 2.66 42.95
CA CYS A 192 11.60 2.95 42.80
C CYS A 192 10.99 3.36 44.13
N ASP A 193 11.83 3.51 45.15
CA ASP A 193 11.38 3.79 46.50
C ASP A 193 10.45 2.72 47.02
N LEU A 194 10.88 1.49 46.89
CA LEU A 194 10.13 0.37 47.41
C LEU A 194 11.09 -0.46 48.22
N SER A 195 10.54 -1.41 48.97
CA SER A 195 11.36 -2.34 49.68
C SER A 195 10.78 -3.74 49.55
N ARG A 196 11.57 -4.72 49.97
CA ARG A 196 11.19 -6.13 49.93
C ARG A 196 9.88 -6.38 50.67
N ASP A 197 9.63 -5.55 51.67
CA ASP A 197 8.41 -5.63 52.47
C ASP A 197 7.18 -5.36 51.63
N GLN A 198 7.36 -4.69 50.50
CA GLN A 198 6.26 -4.41 49.61
C GLN A 198 6.11 -5.45 48.48
N MET A 199 6.99 -6.45 48.48
CA MET A 199 6.89 -7.56 47.55
C MET A 199 6.35 -8.83 48.19
N PRO A 200 5.71 -9.68 47.40
CA PRO A 200 5.39 -11.04 47.81
C PRO A 200 6.63 -11.88 48.06
N ALA A 201 6.47 -12.94 48.81
CA ALA A 201 7.45 -14.02 48.88
C ALA A 201 7.63 -14.75 47.55
N LEU A 202 8.87 -15.12 47.26
CA LEU A 202 9.21 -15.75 45.99
C LEU A 202 9.31 -17.26 46.13
N TYR A 203 8.77 -17.95 45.16
CA TYR A 203 8.90 -19.39 45.09
C TYR A 203 9.29 -19.81 43.68
N GLU A 204 9.69 -21.06 43.53
CA GLU A 204 9.69 -21.69 42.21
C GLU A 204 8.31 -22.15 41.82
N GLY A 205 8.06 -22.23 40.52
CA GLY A 205 6.73 -22.51 40.00
C GLY A 205 6.05 -23.73 40.60
N SER A 206 6.86 -24.73 40.92
CA SER A 206 6.36 -26.06 41.27
C SER A 206 6.22 -26.26 42.77
N GLU A 207 6.51 -25.21 43.53
CA GLU A 207 6.44 -25.21 44.98
C GLU A 207 5.08 -24.73 45.50
N ILE A 208 4.68 -25.24 46.66
CA ILE A 208 3.43 -24.87 47.29
C ILE A 208 3.53 -23.58 48.11
N THR A 209 2.58 -22.68 47.89
CA THR A 209 2.59 -21.38 48.54
C THR A 209 1.57 -21.30 49.66
N GLY A 210 0.72 -22.31 49.75
CA GLY A 210 -0.40 -22.30 50.67
C GLY A 210 -1.49 -23.23 50.21
N ALA A 211 -2.70 -22.95 50.67
CA ALA A 211 -3.86 -23.74 50.34
C ALA A 211 -5.08 -22.85 50.19
N LEU A 212 -6.09 -23.36 49.50
CA LEU A 212 -7.38 -22.67 49.46
C LEU A 212 -7.90 -22.42 50.84
N LEU A 213 -8.37 -21.20 51.07
CA LEU A 213 -9.21 -20.89 52.19
C LEU A 213 -10.46 -21.75 52.22
N PRO A 214 -10.79 -22.22 53.40
CA PRO A 214 -12.08 -22.91 53.67
C PRO A 214 -13.28 -22.31 52.97
N GLU A 215 -13.48 -21.01 53.11
CA GLU A 215 -14.62 -20.38 52.48
C GLU A 215 -14.57 -20.54 50.97
N VAL A 216 -13.39 -20.37 50.41
CA VAL A 216 -13.17 -20.55 48.97
C VAL A 216 -13.33 -22.00 48.52
N ALA A 217 -12.66 -22.91 49.22
CA ALA A 217 -12.79 -24.34 48.95
C ALA A 217 -14.25 -24.76 48.93
N LYS A 218 -14.97 -24.42 49.98
CA LYS A 218 -16.39 -24.72 50.07
C LYS A 218 -17.23 -24.17 48.93
N ALA A 219 -17.06 -22.90 48.63
CA ALA A 219 -17.77 -22.28 47.53
C ALA A 219 -17.58 -23.00 46.21
N TRP A 220 -16.43 -23.65 46.06
CA TRP A 220 -16.02 -24.23 44.78
C TRP A 220 -16.21 -25.74 44.76
N GLY A 221 -16.67 -26.29 45.87
CA GLY A 221 -16.93 -27.70 45.99
C GLY A 221 -15.66 -28.51 45.98
N MET A 222 -14.66 -28.05 46.73
CA MET A 222 -13.43 -28.79 46.84
C MET A 222 -12.81 -28.76 48.22
N ALA A 223 -11.81 -29.60 48.41
CA ALA A 223 -10.98 -29.58 49.62
C ALA A 223 -10.08 -28.35 49.70
N THR A 224 -9.61 -28.02 50.90
CA THR A 224 -8.65 -26.95 51.08
C THR A 224 -7.32 -27.32 50.46
N VAL A 225 -7.33 -27.45 49.14
CA VAL A 225 -6.26 -28.05 48.38
C VAL A 225 -5.01 -27.16 48.31
N PRO A 226 -3.83 -27.77 48.21
CA PRO A 226 -2.59 -27.01 48.12
C PRO A 226 -2.45 -26.25 46.80
N VAL A 227 -1.89 -25.05 46.87
CA VAL A 227 -1.77 -24.20 45.70
C VAL A 227 -0.31 -23.95 45.38
N VAL A 228 0.07 -24.16 44.12
CA VAL A 228 1.44 -23.87 43.70
C VAL A 228 1.62 -22.44 43.20
N ALA A 229 2.87 -22.02 43.12
CA ALA A 229 3.21 -20.67 42.68
C ALA A 229 2.77 -20.36 41.24
N GLY A 230 2.84 -21.36 40.38
CA GLY A 230 2.51 -21.19 38.98
C GLY A 230 3.59 -20.55 38.14
N GLY A 231 3.17 -19.84 37.11
CA GLY A 231 4.07 -19.14 36.20
C GLY A 231 3.36 -17.99 35.51
N GLY A 232 4.12 -17.02 35.03
CA GLY A 232 3.64 -16.15 33.99
C GLY A 232 3.10 -16.97 32.83
N ASP A 233 2.18 -16.39 32.07
CA ASP A 233 1.51 -17.11 31.01
C ASP A 233 2.42 -17.79 29.99
N ASN A 234 3.42 -17.08 29.50
CA ASN A 234 4.40 -17.69 28.62
C ASN A 234 5.10 -18.90 29.23
N ALA A 235 5.75 -18.71 30.37
CA ALA A 235 6.48 -19.78 31.01
C ALA A 235 5.61 -20.97 31.34
N ALA A 236 4.41 -20.72 31.84
CA ALA A 236 3.46 -21.78 32.13
C ALA A 236 3.02 -22.54 30.89
N GLY A 237 2.67 -21.81 29.84
CA GLY A 237 2.52 -22.37 28.52
C GLY A 237 3.63 -23.30 28.10
N ALA A 238 4.86 -22.85 28.25
CA ALA A 238 6.02 -23.66 27.90
C ALA A 238 6.05 -24.95 28.68
N VAL A 239 5.70 -24.87 29.96
CA VAL A 239 5.71 -26.04 30.79
C VAL A 239 4.65 -27.05 30.31
N GLY A 240 3.49 -26.56 29.93
CA GLY A 240 2.44 -27.40 29.40
C GLY A 240 2.83 -28.10 28.12
N VAL A 241 3.77 -27.52 27.40
CA VAL A 241 4.13 -27.99 26.06
C VAL A 241 5.35 -28.88 26.18
N GLY A 242 5.97 -28.89 27.35
CA GLY A 242 7.01 -29.82 27.69
C GLY A 242 8.36 -29.18 27.48
N MET A 243 8.33 -27.86 27.37
CA MET A 243 9.53 -27.11 27.17
C MET A 243 10.21 -26.78 28.49
N VAL A 244 11.35 -27.41 28.73
CA VAL A 244 11.71 -27.82 30.06
C VAL A 244 13.22 -27.80 30.31
N ASP A 245 14.00 -28.09 29.29
CA ASP A 245 15.46 -28.14 29.44
C ASP A 245 16.20 -27.24 28.45
N ALA A 246 17.43 -26.91 28.79
CA ALA A 246 18.28 -26.06 27.97
C ALA A 246 18.20 -26.38 26.48
N ASN A 247 17.98 -25.34 25.69
CA ASN A 247 17.89 -25.42 24.24
C ASN A 247 16.64 -26.08 23.68
N GLN A 248 15.68 -26.38 24.54
CA GLN A 248 14.33 -26.61 24.04
C GLN A 248 13.68 -25.30 23.63
N ALA A 249 13.02 -25.31 22.49
CA ALA A 249 12.45 -24.10 21.91
C ALA A 249 11.13 -24.39 21.23
N MET A 250 10.21 -23.45 21.38
CA MET A 250 8.93 -23.51 20.71
C MET A 250 8.60 -22.21 19.98
N LEU A 251 7.95 -22.35 18.84
CA LEU A 251 7.42 -21.22 18.11
C LEU A 251 5.91 -21.33 18.00
N SER A 252 5.20 -20.38 18.60
CA SER A 252 3.75 -20.41 18.56
C SER A 252 3.20 -19.51 17.49
N LEU A 253 2.69 -20.12 16.44
CA LEU A 253 2.01 -19.40 15.40
C LEU A 253 0.52 -19.31 15.69
N GLY A 254 0.21 -18.90 16.91
CA GLY A 254 -1.15 -18.79 17.35
C GLY A 254 -1.68 -17.38 17.20
N THR A 255 -2.71 -17.05 17.96
CA THR A 255 -3.28 -15.72 17.94
C THR A 255 -2.35 -14.76 18.61
N SER A 256 -1.45 -15.29 19.42
CA SER A 256 -0.37 -14.50 19.95
C SER A 256 0.95 -15.16 19.66
N GLY A 257 1.81 -14.48 18.93
CA GLY A 257 3.02 -15.10 18.43
C GLY A 257 4.15 -14.98 19.43
N VAL A 258 4.83 -16.09 19.70
CA VAL A 258 5.96 -16.10 20.61
C VAL A 258 7.02 -17.07 20.13
N TYR A 259 8.27 -16.72 20.35
CA TYR A 259 9.33 -17.71 20.35
C TYR A 259 9.91 -17.85 21.75
N PHE A 260 9.85 -19.06 22.29
CA PHE A 260 10.23 -19.34 23.66
C PHE A 260 11.30 -20.42 23.65
N ALA A 261 12.44 -20.11 24.23
CA ALA A 261 13.54 -21.05 24.27
C ALA A 261 14.17 -21.10 25.64
N VAL A 262 14.25 -22.30 26.20
CA VAL A 262 14.94 -22.53 27.45
C VAL A 262 16.44 -22.49 27.26
N SER A 263 17.11 -21.72 28.11
CA SER A 263 18.53 -21.42 27.92
C SER A 263 19.41 -22.27 28.83
N GLU A 264 20.69 -22.27 28.54
CA GLU A 264 21.69 -22.83 29.43
C GLU A 264 22.10 -21.84 30.51
N GLY A 265 21.46 -21.97 31.66
CA GLY A 265 21.48 -20.95 32.68
C GLY A 265 21.03 -19.60 32.20
N PHE A 266 21.46 -18.57 32.91
CA PHE A 266 21.00 -17.22 32.62
C PHE A 266 21.79 -16.54 31.52
N LEU A 267 21.07 -16.05 30.52
CA LEU A 267 21.67 -15.36 29.39
C LEU A 267 21.20 -13.92 29.31
N SER A 268 22.16 -13.01 29.22
CA SER A 268 21.87 -11.58 29.07
C SER A 268 22.46 -11.02 27.78
N LYS A 269 21.60 -10.69 26.83
CA LYS A 269 21.96 -9.81 25.74
C LYS A 269 20.84 -8.80 25.52
N PRO A 270 20.80 -7.78 26.36
CA PRO A 270 19.89 -6.65 26.19
C PRO A 270 20.52 -5.56 25.33
N GLU A 271 20.10 -5.44 24.07
CA GLU A 271 20.48 -4.30 23.26
C GLU A 271 19.74 -4.33 21.94
N SER A 272 18.47 -4.71 21.98
CA SER A 272 18.09 -6.11 21.84
C SER A 272 16.59 -6.00 22.11
N ALA A 273 15.90 -7.12 22.00
CA ALA A 273 14.46 -7.16 21.86
C ALA A 273 14.27 -8.64 22.17
N VAL A 274 15.32 -9.27 22.69
CA VAL A 274 15.14 -10.53 23.34
C VAL A 274 15.02 -10.34 24.83
N HIS A 275 14.00 -10.93 25.40
CA HIS A 275 13.83 -10.90 26.83
C HIS A 275 14.33 -12.14 27.54
N SER A 276 14.90 -11.91 28.72
CA SER A 276 15.46 -12.97 29.52
C SER A 276 14.84 -12.99 30.91
N PHE A 277 14.22 -14.10 31.24
CA PHE A 277 13.56 -14.28 32.52
C PHE A 277 13.90 -15.60 33.17
N CYS A 278 13.55 -15.73 34.43
CA CYS A 278 13.49 -17.04 35.06
C CYS A 278 12.38 -17.88 34.44
N HIS A 279 12.60 -19.18 34.37
CA HIS A 279 11.56 -20.13 34.02
C HIS A 279 10.76 -20.54 35.26
N ALA A 280 9.57 -21.08 35.05
CA ALA A 280 8.69 -21.48 36.13
C ALA A 280 9.09 -22.80 36.78
N LEU A 281 10.30 -23.23 36.47
CA LEU A 281 10.86 -24.39 37.15
C LEU A 281 12.19 -24.06 37.81
N PRO A 282 12.56 -24.87 38.77
CA PRO A 282 13.77 -24.62 39.55
C PRO A 282 15.01 -24.76 38.69
N GLN A 283 15.94 -23.83 38.88
CA GLN A 283 17.18 -23.79 38.14
C GLN A 283 16.97 -23.78 36.62
N ARG A 284 15.90 -23.15 36.18
CA ARG A 284 15.64 -22.98 34.78
C ARG A 284 15.41 -21.53 34.40
N TRP A 285 15.88 -21.18 33.22
CA TRP A 285 15.84 -19.82 32.70
C TRP A 285 15.46 -19.88 31.22
N HIS A 286 14.98 -18.77 30.67
CA HIS A 286 14.54 -18.72 29.29
C HIS A 286 14.66 -17.37 28.61
N LEU A 287 14.74 -17.41 27.29
CA LEU A 287 14.64 -16.23 26.47
C LEU A 287 13.26 -16.22 25.83
N MET A 288 12.78 -15.04 25.50
CA MET A 288 11.57 -14.93 24.71
C MET A 288 11.52 -13.68 23.85
N SER A 289 10.78 -13.79 22.76
CA SER A 289 10.57 -12.67 21.87
C SER A 289 9.18 -12.71 21.29
N VAL A 290 8.51 -11.58 21.32
CA VAL A 290 7.26 -11.46 20.61
C VAL A 290 7.48 -11.68 19.13
N MET A 291 6.61 -12.46 18.53
CA MET A 291 6.67 -12.73 17.11
C MET A 291 5.37 -12.36 16.46
N LEU A 292 5.38 -12.27 15.13
CA LEU A 292 4.16 -12.17 14.36
C LEU A 292 3.24 -13.33 14.71
N SER A 293 1.94 -13.06 14.66
CA SER A 293 0.94 -14.10 14.70
C SER A 293 0.76 -14.67 13.31
N ALA A 294 1.54 -15.70 12.98
CA ALA A 294 1.50 -16.32 11.67
C ALA A 294 0.09 -16.78 11.38
N ALA A 295 -0.64 -17.08 12.44
CA ALA A 295 -2.04 -17.43 12.36
C ALA A 295 -2.85 -16.24 11.87
N SER A 296 -2.78 -15.15 12.62
CA SER A 296 -3.56 -13.98 12.29
C SER A 296 -3.04 -13.30 11.03
N CYS A 297 -1.96 -13.81 10.47
CA CYS A 297 -1.46 -13.31 9.19
C CYS A 297 -2.01 -14.12 8.03
N LEU A 298 -1.79 -15.43 8.09
CA LEU A 298 -2.33 -16.38 7.12
C LEU A 298 -3.82 -16.20 6.88
N ASP A 299 -4.58 -16.05 7.95
CA ASP A 299 -5.99 -15.77 7.82
C ASP A 299 -6.22 -14.51 7.01
N TRP A 300 -5.29 -13.57 7.10
CA TRP A 300 -5.49 -12.26 6.52
C TRP A 300 -5.13 -12.29 5.05
N ALA A 301 -3.94 -12.78 4.73
CA ALA A 301 -3.60 -13.15 3.37
C ALA A 301 -4.69 -13.88 2.58
N ALA A 302 -5.51 -14.63 3.30
CA ALA A 302 -6.63 -15.32 2.71
C ALA A 302 -7.73 -14.35 2.36
N LYS A 303 -8.23 -13.63 3.35
CA LYS A 303 -9.37 -12.76 3.11
C LYS A 303 -9.03 -11.56 2.27
N LEU A 304 -7.90 -10.93 2.56
CA LEU A 304 -7.21 -10.08 1.61
C LEU A 304 -7.23 -10.40 0.12
N THR A 305 -6.95 -11.65 -0.22
CA THR A 305 -6.84 -12.05 -1.62
C THR A 305 -8.19 -12.63 -1.94
N GLY A 306 -9.14 -12.43 -1.05
CA GLY A 306 -10.49 -12.91 -1.24
C GLY A 306 -10.57 -14.41 -1.35
N LEU A 307 -9.44 -15.07 -1.16
CA LEU A 307 -9.42 -16.50 -0.91
C LEU A 307 -10.17 -16.88 0.35
N SER A 308 -10.70 -18.10 0.38
CA SER A 308 -11.80 -18.44 1.27
C SER A 308 -11.28 -18.92 2.61
N ASN A 309 -10.24 -19.72 2.57
CA ASN A 309 -9.81 -20.47 3.72
C ASN A 309 -8.31 -20.71 3.63
N VAL A 310 -7.73 -21.16 4.72
CA VAL A 310 -6.30 -21.06 4.86
C VAL A 310 -5.62 -22.03 3.91
N PRO A 311 -6.42 -22.83 3.23
CA PRO A 311 -5.89 -23.81 2.32
C PRO A 311 -6.23 -23.53 0.87
N ALA A 312 -7.34 -22.86 0.61
CA ALA A 312 -7.45 -22.10 -0.63
C ALA A 312 -6.15 -21.35 -0.83
N LEU A 313 -5.82 -20.54 0.16
CA LEU A 313 -4.65 -19.71 0.06
C LEU A 313 -3.43 -20.55 -0.28
N ILE A 314 -3.08 -21.46 0.60
CA ILE A 314 -1.80 -22.16 0.50
C ILE A 314 -1.73 -22.81 -0.87
N ALA A 315 -2.91 -22.98 -1.49
CA ALA A 315 -2.96 -23.58 -2.81
C ALA A 315 -2.81 -22.56 -3.92
N ALA A 316 -3.37 -21.38 -3.72
CA ALA A 316 -3.20 -20.33 -4.69
C ALA A 316 -1.72 -20.13 -4.95
N ALA A 317 -0.93 -20.16 -3.87
CA ALA A 317 0.43 -19.71 -3.87
C ALA A 317 1.31 -20.66 -4.68
N GLN A 318 0.88 -21.88 -4.79
CA GLN A 318 1.60 -22.88 -5.55
C GLN A 318 1.36 -22.74 -7.04
N GLN A 319 0.27 -22.08 -7.39
CA GLN A 319 0.03 -21.66 -8.76
C GLN A 319 0.77 -20.37 -9.10
N ALA A 320 1.63 -19.93 -8.21
CA ALA A 320 2.38 -18.71 -8.47
C ALA A 320 3.26 -18.83 -9.71
N ASP A 321 3.22 -17.79 -10.55
CA ASP A 321 3.99 -17.72 -11.78
C ASP A 321 5.50 -17.68 -11.55
N GLU A 322 6.17 -18.77 -11.84
CA GLU A 322 7.59 -18.90 -11.57
C GLU A 322 8.44 -17.82 -12.25
N SER A 323 7.93 -17.28 -13.35
CA SER A 323 8.76 -16.42 -14.20
C SER A 323 8.57 -14.96 -13.81
N ALA A 324 7.45 -14.68 -13.16
CA ALA A 324 7.23 -13.42 -12.48
C ALA A 324 8.39 -13.05 -11.58
N GLU A 325 8.83 -11.81 -11.68
CA GLU A 325 9.62 -11.22 -10.63
C GLU A 325 8.91 -11.23 -9.29
N PRO A 326 9.69 -11.23 -8.23
CA PRO A 326 9.15 -11.34 -6.86
C PRO A 326 8.38 -10.09 -6.50
N VAL A 327 7.23 -10.29 -5.86
CA VAL A 327 6.65 -9.32 -4.95
C VAL A 327 7.26 -9.53 -3.59
N TRP A 328 7.50 -8.43 -2.88
CA TRP A 328 8.01 -8.50 -1.53
C TRP A 328 6.98 -8.03 -0.50
N PHE A 329 6.63 -8.92 0.41
CA PHE A 329 5.78 -8.55 1.53
C PHE A 329 6.61 -8.32 2.78
N LEU A 330 6.53 -7.11 3.33
CA LEU A 330 7.26 -6.80 4.54
C LEU A 330 6.32 -6.55 5.72
N PRO A 331 6.24 -7.53 6.60
CA PRO A 331 5.37 -7.44 7.76
C PRO A 331 6.12 -6.86 8.94
N TYR A 332 5.58 -5.80 9.48
CA TYR A 332 6.18 -5.13 10.58
C TYR A 332 5.44 -5.34 11.86
N LEU A 333 6.14 -5.96 12.77
CA LEU A 333 5.59 -6.24 14.05
C LEU A 333 5.61 -5.08 14.97
N SER A 334 4.44 -4.69 15.37
CA SER A 334 4.21 -3.60 16.26
C SER A 334 4.80 -3.82 17.65
N PRO A 343 0.54 -8.28 18.70
CA PRO A 343 -0.71 -8.14 17.96
C PRO A 343 -0.54 -7.24 16.76
N GLN A 344 -0.54 -5.93 17.00
CA GLN A 344 -0.35 -4.97 15.92
C GLN A 344 0.76 -5.42 14.97
N ALA A 345 0.39 -5.67 13.72
CA ALA A 345 1.35 -5.79 12.63
C ALA A 345 0.94 -4.96 11.41
N LYS A 346 1.88 -4.21 10.87
CA LYS A 346 1.67 -3.46 9.65
C LYS A 346 2.56 -3.95 8.51
N GLY A 347 1.97 -4.07 7.33
CA GLY A 347 2.61 -4.71 6.20
C GLY A 347 2.81 -3.80 5.02
N VAL A 348 3.82 -4.11 4.22
CA VAL A 348 4.03 -3.49 2.94
C VAL A 348 4.08 -4.53 1.83
N PHE A 349 3.35 -4.28 0.75
CA PHE A 349 3.57 -4.95 -0.53
C PHE A 349 4.44 -4.11 -1.46
N PHE A 350 5.65 -4.58 -1.68
CA PHE A 350 6.66 -3.87 -2.45
C PHE A 350 6.98 -4.54 -3.78
N GLY A 351 6.95 -3.75 -4.85
CA GLY A 351 7.46 -4.20 -6.14
C GLY A 351 6.44 -4.88 -7.01
N LEU A 352 5.21 -4.44 -6.96
CA LEU A 352 4.14 -5.00 -7.74
C LEU A 352 4.16 -4.52 -9.19
N THR A 353 3.95 -5.46 -10.11
CA THR A 353 3.92 -5.18 -11.55
C THR A 353 2.73 -5.84 -12.22
N HIS A 354 2.57 -5.55 -13.51
CA HIS A 354 1.56 -6.17 -14.35
C HIS A 354 1.48 -7.69 -14.22
N GLN A 355 2.56 -8.28 -13.73
CA GLN A 355 2.74 -9.72 -13.77
C GLN A 355 1.98 -10.38 -12.63
N HIS A 356 1.51 -9.57 -11.70
CA HIS A 356 1.12 -10.05 -10.38
C HIS A 356 -0.40 -10.16 -10.25
N GLY A 357 -0.86 -11.32 -9.86
CA GLY A 357 -2.21 -11.50 -9.30
C GLY A 357 -2.20 -12.16 -7.94
N PRO A 358 -3.37 -12.62 -7.51
CA PRO A 358 -3.58 -13.09 -6.15
C PRO A 358 -2.72 -14.29 -5.78
N ASN A 359 -2.39 -15.12 -6.75
CA ASN A 359 -1.49 -16.25 -6.55
C ASN A 359 -0.09 -15.77 -6.12
N GLU A 360 0.43 -14.79 -6.85
CA GLU A 360 1.70 -14.17 -6.55
C GLU A 360 1.66 -13.51 -5.19
N LEU A 361 0.61 -12.73 -4.97
CA LEU A 361 0.43 -12.03 -3.72
C LEU A 361 0.46 -13.01 -2.55
N ALA A 362 -0.21 -14.14 -2.73
CA ALA A 362 -0.33 -15.12 -1.67
C ALA A 362 1.00 -15.77 -1.39
N ARG A 363 1.73 -16.09 -2.43
CA ARG A 363 3.11 -16.49 -2.29
C ARG A 363 3.97 -15.47 -1.54
N ALA A 364 3.82 -14.21 -1.86
CA ALA A 364 4.59 -13.15 -1.22
C ALA A 364 4.39 -13.11 0.30
N VAL A 365 3.15 -13.18 0.72
CA VAL A 365 2.83 -13.19 2.13
C VAL A 365 3.48 -14.32 2.91
N LEU A 366 3.32 -15.54 2.42
CA LEU A 366 3.91 -16.70 3.06
C LEU A 366 5.41 -16.54 3.23
N GLU A 367 6.06 -16.12 2.15
CA GLU A 367 7.50 -16.04 2.13
C GLU A 367 7.99 -14.93 3.04
N GLY A 368 7.31 -13.80 3.02
CA GLY A 368 7.68 -12.66 3.85
C GLY A 368 7.46 -12.83 5.33
N VAL A 369 6.32 -13.38 5.70
CA VAL A 369 6.13 -13.81 7.06
C VAL A 369 7.19 -14.83 7.46
N GLY A 370 7.42 -15.80 6.59
CA GLY A 370 8.52 -16.72 6.76
C GLY A 370 9.85 -16.05 7.03
N TYR A 371 10.20 -15.08 6.20
CA TYR A 371 11.47 -14.38 6.33
C TYR A 371 11.60 -13.67 7.68
N ALA A 372 10.53 -12.99 8.06
CA ALA A 372 10.43 -12.34 9.36
C ALA A 372 10.65 -13.30 10.54
N LEU A 373 9.92 -14.40 10.53
CA LEU A 373 9.98 -15.39 11.58
C LEU A 373 11.38 -15.99 11.75
N ALA A 374 12.04 -16.26 10.63
CA ALA A 374 13.38 -16.83 10.63
C ALA A 374 14.41 -15.87 11.21
N ASP A 375 14.33 -14.61 10.83
CA ASP A 375 15.19 -13.58 11.38
C ASP A 375 14.95 -13.45 12.86
N GLY A 376 13.67 -13.56 13.25
CA GLY A 376 13.27 -13.49 14.63
C GLY A 376 13.93 -14.56 15.48
N MET A 377 13.86 -15.79 14.99
CA MET A 377 14.55 -16.88 15.67
C MET A 377 16.07 -16.72 15.69
N ASP A 378 16.66 -16.31 14.59
CA ASP A 378 18.10 -16.07 14.51
C ASP A 378 18.59 -15.13 15.61
N VAL A 379 17.87 -14.04 15.82
CA VAL A 379 18.21 -13.07 16.84
C VAL A 379 18.28 -13.71 18.25
N VAL A 380 17.26 -14.47 18.61
CA VAL A 380 17.25 -15.24 19.84
C VAL A 380 18.43 -16.20 19.93
N HIS A 381 18.70 -16.90 18.84
CA HIS A 381 19.77 -17.87 18.81
C HIS A 381 21.12 -17.20 19.03
N ALA A 382 21.27 -16.02 18.46
CA ALA A 382 22.51 -15.28 18.57
C ALA A 382 22.84 -14.93 20.02
N CYS A 383 21.83 -15.06 20.88
CA CYS A 383 21.98 -14.71 22.28
C CYS A 383 22.69 -15.85 23.01
N GLY A 384 22.68 -17.02 22.38
CA GLY A 384 23.30 -18.21 22.92
C GLY A 384 22.35 -19.40 23.04
N ILE A 385 21.34 -19.45 22.20
CA ILE A 385 20.42 -20.59 22.15
C ILE A 385 20.71 -21.44 20.94
N LYS A 386 20.80 -22.74 21.12
CA LYS A 386 21.05 -23.65 20.01
C LYS A 386 20.17 -24.89 20.05
N PRO A 387 19.04 -24.81 19.38
CA PRO A 387 18.04 -25.87 19.43
C PRO A 387 18.38 -27.03 18.50
N GLN A 388 18.12 -28.24 18.95
CA GLN A 388 18.14 -29.40 18.05
C GLN A 388 16.94 -29.40 17.15
N SER A 389 15.83 -28.97 17.71
CA SER A 389 14.62 -28.78 16.94
C SER A 389 13.84 -27.62 17.51
N VAL A 390 12.88 -27.15 16.75
CA VAL A 390 11.93 -26.19 17.24
C VAL A 390 10.53 -26.78 17.19
N THR A 391 9.91 -26.88 18.36
CA THR A 391 8.52 -27.20 18.45
C THR A 391 7.64 -26.16 17.83
N LEU A 392 6.73 -26.61 16.99
CA LEU A 392 5.93 -25.71 16.20
C LEU A 392 4.46 -26.00 16.46
N ILE A 393 3.77 -25.03 17.05
CA ILE A 393 2.38 -25.19 17.39
C ILE A 393 1.58 -23.93 17.08
N GLY A 394 0.26 -24.05 17.18
CA GLY A 394 -0.64 -22.95 16.95
C GLY A 394 -1.36 -23.09 15.63
N GLY A 395 -2.43 -22.34 15.45
CA GLY A 395 -3.24 -22.44 14.25
C GLY A 395 -2.51 -22.04 12.99
N GLY A 396 -1.58 -21.10 13.09
CA GLY A 396 -0.69 -20.77 12.00
C GLY A 396 0.14 -21.93 11.49
N ALA A 397 0.32 -22.93 12.35
CA ALA A 397 1.22 -24.03 12.09
C ALA A 397 0.58 -25.15 11.33
N ARG A 398 -0.65 -24.95 10.88
CA ARG A 398 -1.47 -26.06 10.45
C ARG A 398 -1.10 -26.55 9.04
N SER A 399 -0.74 -25.64 8.15
CA SER A 399 -0.35 -26.00 6.80
C SER A 399 0.98 -26.75 6.67
N GLU A 400 0.91 -27.93 6.07
CA GLU A 400 2.11 -28.71 5.77
C GLU A 400 3.05 -27.99 4.81
N TYR A 401 2.48 -27.41 3.77
CA TYR A 401 3.26 -26.64 2.83
C TYR A 401 4.06 -25.55 3.53
N TRP A 402 3.42 -24.81 4.41
CA TRP A 402 4.05 -23.65 4.98
C TRP A 402 5.09 -24.02 6.00
N ARG A 403 4.78 -25.04 6.79
CA ARG A 403 5.72 -25.58 7.75
C ARG A 403 7.03 -25.95 7.09
N GLN A 404 6.94 -26.56 5.91
CA GLN A 404 8.12 -26.93 5.16
C GLN A 404 8.85 -25.72 4.60
N MET A 405 8.08 -24.79 4.05
CA MET A 405 8.63 -23.53 3.61
C MET A 405 9.38 -22.88 4.73
N LEU A 406 8.81 -22.91 5.93
CA LEU A 406 9.46 -22.36 7.12
C LEU A 406 10.76 -23.05 7.44
N ALA A 407 10.79 -24.35 7.22
CA ALA A 407 11.99 -25.11 7.43
C ALA A 407 13.04 -24.84 6.38
N ASP A 408 12.61 -24.70 5.13
CA ASP A 408 13.50 -24.45 4.02
C ASP A 408 14.17 -23.10 4.16
N ILE A 409 13.36 -22.11 4.48
CA ILE A 409 13.81 -20.74 4.74
C ILE A 409 14.77 -20.66 5.91
N SER A 410 14.41 -21.29 7.01
CA SER A 410 15.08 -21.05 8.27
C SER A 410 16.31 -21.91 8.50
N GLY A 411 16.38 -23.04 7.83
CA GLY A 411 17.45 -23.98 8.07
C GLY A 411 17.24 -24.77 9.34
N GLN A 412 16.03 -24.71 9.85
CA GLN A 412 15.70 -25.26 11.15
C GLN A 412 14.76 -26.43 11.01
N GLN A 413 15.04 -27.50 11.74
CA GLN A 413 14.11 -28.61 11.84
C GLN A 413 12.87 -28.23 12.66
N LEU A 414 11.70 -28.31 12.04
CA LEU A 414 10.48 -27.93 12.75
C LEU A 414 9.58 -29.12 13.06
N ASP A 415 9.43 -29.39 14.34
CA ASP A 415 8.61 -30.49 14.85
C ASP A 415 7.16 -30.05 15.06
N TYR A 416 6.27 -30.50 14.19
CA TYR A 416 4.86 -30.20 14.33
C TYR A 416 4.20 -31.11 15.35
N ARG A 417 3.52 -30.50 16.31
CA ARG A 417 2.75 -31.23 17.29
C ARG A 417 1.34 -30.66 17.41
N THR A 418 0.42 -31.47 17.91
CA THR A 418 -0.94 -31.01 18.19
C THR A 418 -1.18 -30.83 19.68
N GLY A 419 -2.10 -29.93 20.01
CA GLY A 419 -2.58 -29.83 21.37
C GLY A 419 -1.99 -28.64 22.13
N GLY A 420 -1.53 -27.65 21.39
CA GLY A 420 -1.11 -26.43 21.99
C GLY A 420 -2.29 -25.52 22.16
N ASP A 421 -3.47 -26.08 21.97
CA ASP A 421 -4.72 -25.34 22.16
C ASP A 421 -4.92 -24.90 23.60
N VAL A 422 -4.62 -25.77 24.54
CA VAL A 422 -5.11 -25.60 25.89
C VAL A 422 -4.60 -24.34 26.57
N GLY A 423 -3.32 -24.07 26.42
CA GLY A 423 -2.75 -22.84 26.90
C GLY A 423 -2.08 -22.94 28.25
N PRO A 424 -1.76 -21.80 28.82
CA PRO A 424 -1.10 -21.72 30.11
C PRO A 424 -1.79 -22.48 31.23
N ALA A 425 -3.10 -22.63 31.16
CA ALA A 425 -3.83 -23.43 32.14
C ALA A 425 -3.29 -24.85 32.27
N LEU A 426 -2.93 -25.44 31.14
CA LEU A 426 -2.27 -26.74 31.10
C LEU A 426 -0.99 -26.77 31.94
N GLY A 427 -0.09 -25.85 31.69
CA GLY A 427 1.13 -25.75 32.46
C GLY A 427 0.89 -25.50 33.93
N ALA A 428 -0.05 -24.63 34.26
CA ALA A 428 -0.50 -24.43 35.61
C ALA A 428 -0.88 -25.75 36.31
N ALA A 429 -1.69 -26.54 35.65
CA ALA A 429 -2.09 -27.82 36.21
C ALA A 429 -0.90 -28.75 36.33
N ARG A 430 -0.03 -28.73 35.32
CA ARG A 430 1.16 -29.56 35.32
C ARG A 430 1.99 -29.26 36.56
N LEU A 431 2.06 -27.99 36.90
CA LEU A 431 2.80 -27.59 38.07
C LEU A 431 2.19 -28.14 39.35
N ALA A 432 0.88 -28.13 39.44
CA ALA A 432 0.19 -28.70 40.58
C ALA A 432 0.42 -30.21 40.70
N GLN A 433 0.36 -30.91 39.58
CA GLN A 433 0.78 -32.27 39.48
C GLN A 433 2.14 -32.56 40.09
N ILE A 434 3.11 -31.77 39.73
CA ILE A 434 4.46 -31.90 40.23
C ILE A 434 4.45 -31.84 41.75
N ALA A 435 3.87 -30.78 42.29
CA ALA A 435 3.82 -30.59 43.72
C ALA A 435 3.08 -31.71 44.40
N ALA A 436 2.03 -32.20 43.77
CA ALA A 436 1.25 -33.28 44.33
C ALA A 436 1.89 -34.66 44.22
N ASN A 437 2.85 -34.81 43.32
CA ASN A 437 3.54 -36.09 43.13
C ASN A 437 5.04 -35.93 43.24
N PRO A 438 5.51 -35.65 44.44
CA PRO A 438 6.89 -35.21 44.63
C PRO A 438 7.92 -36.31 44.36
N GLU A 439 7.48 -37.55 44.33
CA GLU A 439 8.39 -38.66 44.07
C GLU A 439 8.60 -38.92 42.58
N LYS A 440 7.66 -38.46 41.76
CA LYS A 440 7.71 -38.69 40.32
C LYS A 440 8.60 -37.67 39.64
N SER A 441 9.19 -38.07 38.52
CA SER A 441 10.09 -37.21 37.78
C SER A 441 9.32 -36.34 36.79
N LEU A 442 9.96 -35.26 36.35
CA LEU A 442 9.34 -34.35 35.40
C LEU A 442 9.19 -35.01 34.05
N ILE A 443 10.18 -35.82 33.68
CA ILE A 443 10.06 -36.70 32.54
C ILE A 443 8.69 -37.32 32.55
N GLU A 444 8.29 -37.84 33.73
CA GLU A 444 7.02 -38.52 33.87
C GLU A 444 5.84 -37.58 33.67
N LEU A 445 5.88 -36.41 34.27
CA LEU A 445 4.67 -35.63 34.46
C LEU A 445 4.54 -34.53 33.42
N LEU A 446 5.66 -34.21 32.75
CA LEU A 446 5.72 -33.13 31.78
C LEU A 446 6.15 -33.63 30.41
N PRO A 447 5.28 -34.38 29.75
CA PRO A 447 5.61 -34.98 28.47
C PRO A 447 5.48 -33.95 27.34
N GLN A 448 6.24 -34.13 26.28
CA GLN A 448 6.03 -33.37 25.07
C GLN A 448 4.67 -33.68 24.50
N LEU A 449 4.13 -32.79 23.70
CA LEU A 449 2.94 -33.13 22.92
C LEU A 449 3.26 -34.14 21.85
N PRO A 450 2.22 -34.72 21.29
CA PRO A 450 2.37 -35.73 20.26
C PRO A 450 3.07 -35.16 19.02
N LEU A 451 4.18 -35.79 18.65
CA LEU A 451 4.85 -35.53 17.39
C LEU A 451 4.02 -35.91 16.17
N GLU A 452 3.64 -34.93 15.38
CA GLU A 452 2.79 -35.15 14.24
C GLU A 452 3.58 -35.30 12.95
N GLN A 453 4.58 -34.44 12.77
CA GLN A 453 5.43 -34.47 11.60
C GLN A 453 6.67 -33.62 11.82
N SER A 454 7.81 -34.14 11.40
CA SER A 454 9.07 -33.44 11.53
C SER A 454 9.59 -32.95 10.17
N HIS A 455 9.84 -31.65 10.07
CA HIS A 455 10.24 -31.03 8.81
C HIS A 455 11.72 -30.73 8.78
N LEU A 456 12.43 -31.41 7.91
CA LEU A 456 13.83 -31.06 7.68
C LEU A 456 13.99 -30.12 6.51
N PRO A 457 14.88 -29.15 6.69
CA PRO A 457 15.20 -28.22 5.62
C PRO A 457 15.69 -28.94 4.38
N ASP A 458 15.10 -28.61 3.24
CA ASP A 458 15.62 -29.03 1.96
C ASP A 458 16.83 -28.20 1.56
N ALA A 459 17.93 -28.88 1.27
CA ALA A 459 19.22 -28.23 1.10
C ALA A 459 19.22 -27.32 -0.12
N GLN A 460 18.50 -27.72 -1.15
CA GLN A 460 18.38 -26.95 -2.37
C GLN A 460 17.53 -25.69 -2.21
N ARG A 461 16.34 -25.85 -1.62
CA ARG A 461 15.46 -24.72 -1.36
C ARG A 461 15.99 -23.75 -0.30
N TYR A 462 16.72 -24.28 0.67
CA TYR A 462 17.40 -23.44 1.65
C TYR A 462 18.39 -22.51 0.98
N ALA A 463 19.22 -23.05 0.11
CA ALA A 463 20.19 -22.27 -0.62
C ALA A 463 19.53 -21.22 -1.50
N ALA A 464 18.40 -21.58 -2.08
CA ALA A 464 17.64 -20.67 -2.92
C ALA A 464 17.04 -19.53 -2.13
N TYR A 465 16.78 -19.78 -0.86
CA TYR A 465 16.10 -18.80 -0.04
C TYR A 465 17.08 -17.77 0.50
N GLN A 466 18.34 -18.14 0.61
CA GLN A 466 19.26 -17.31 1.36
C GLN A 466 19.44 -15.90 0.81
N PRO A 467 19.63 -15.77 -0.50
CA PRO A 467 19.70 -14.44 -1.11
C PRO A 467 18.41 -13.66 -1.00
N ARG A 468 17.27 -14.33 -0.94
CA ARG A 468 16.01 -13.66 -0.70
C ARG A 468 15.88 -13.10 0.71
N ARG A 469 16.39 -13.85 1.68
CA ARG A 469 16.46 -13.41 3.08
C ARG A 469 17.31 -12.16 3.22
N GLU A 470 18.46 -12.17 2.55
CA GLU A 470 19.34 -11.04 2.47
C GLU A 470 18.64 -9.83 1.86
N THR A 471 17.90 -10.08 0.81
CA THR A 471 17.19 -9.01 0.13
C THR A 471 16.06 -8.45 1.00
N PHE A 472 15.26 -9.36 1.55
CA PHE A 472 14.27 -9.02 2.57
C PHE A 472 14.79 -8.14 3.71
N ARG A 473 15.88 -8.55 4.34
CA ARG A 473 16.48 -7.82 5.42
C ARG A 473 16.90 -6.41 5.00
N ARG A 474 17.45 -6.29 3.81
CA ARG A 474 17.84 -5.01 3.23
C ARG A 474 16.63 -4.10 3.09
N LEU A 475 15.60 -4.60 2.43
CA LEU A 475 14.38 -3.85 2.23
C LEU A 475 13.70 -3.51 3.55
N TYR A 476 13.58 -4.48 4.45
CA TYR A 476 12.93 -4.28 5.74
C TYR A 476 13.58 -3.13 6.50
N GLN A 477 14.89 -3.19 6.65
CA GLN A 477 15.63 -2.09 7.20
C GLN A 477 15.36 -0.74 6.54
N GLN A 478 15.35 -0.70 5.22
CA GLN A 478 15.15 0.53 4.49
C GLN A 478 13.86 1.27 4.84
N LEU A 479 12.77 0.52 5.01
CA LEU A 479 11.45 1.10 5.23
C LEU A 479 11.12 1.22 6.72
N LEU A 480 11.98 0.67 7.54
CA LEU A 480 11.77 0.59 8.98
C LEU A 480 11.45 1.94 9.63
N PRO A 481 12.18 2.97 9.23
CA PRO A 481 11.98 4.30 9.81
C PRO A 481 10.63 4.87 9.42
N LEU A 482 10.14 4.46 8.27
CA LEU A 482 8.83 4.85 7.79
C LEU A 482 7.69 4.21 8.58
N MET A 483 7.97 3.14 9.29
CA MET A 483 6.98 2.50 10.15
C MET A 483 6.98 2.86 11.64
N ALA A 484 7.82 3.79 12.07
CA ALA A 484 7.57 4.56 13.29
C ALA A 484 7.52 3.72 14.56
N MET B 1 -24.34 20.61 -42.21
CA MET B 1 -23.49 19.44 -42.20
C MET B 1 -21.99 19.78 -42.22
N TYR B 2 -21.22 19.16 -41.34
CA TYR B 2 -19.77 19.35 -41.37
C TYR B 2 -18.97 18.06 -41.21
N ILE B 3 -17.76 18.07 -41.75
CA ILE B 3 -16.84 16.96 -41.66
C ILE B 3 -15.63 17.24 -40.77
N GLY B 4 -15.40 16.38 -39.80
CA GLY B 4 -14.14 16.36 -39.08
C GLY B 4 -13.32 15.10 -39.23
N ILE B 5 -12.06 15.26 -39.57
CA ILE B 5 -11.11 14.14 -39.60
C ILE B 5 -10.08 14.21 -38.48
N ASP B 6 -9.88 13.08 -37.81
CA ASP B 6 -8.79 12.94 -36.87
C ASP B 6 -7.79 11.88 -37.32
N LEU B 7 -6.60 12.33 -37.63
CA LEU B 7 -5.49 11.44 -37.88
C LEU B 7 -4.80 11.04 -36.58
N GLY B 8 -5.23 9.93 -36.03
CA GLY B 8 -4.65 9.41 -34.80
C GLY B 8 -3.41 8.56 -35.02
N THR B 9 -2.88 8.00 -33.93
CA THR B 9 -1.78 7.06 -34.02
C THR B 9 -2.24 5.63 -34.27
N SER B 10 -3.28 5.22 -33.57
CA SER B 10 -3.85 3.90 -33.74
C SER B 10 -4.85 3.79 -34.88
N GLY B 11 -5.48 4.91 -35.21
CA GLY B 11 -6.03 5.08 -36.54
C GLY B 11 -6.71 6.40 -36.82
N VAL B 12 -7.44 6.42 -37.93
CA VAL B 12 -8.22 7.56 -38.36
C VAL B 12 -9.69 7.44 -38.02
N LYS B 13 -10.25 8.49 -37.44
CA LYS B 13 -11.68 8.59 -37.22
C LYS B 13 -12.20 9.78 -38.00
N VAL B 14 -13.30 9.58 -38.69
CA VAL B 14 -13.98 10.67 -39.38
C VAL B 14 -15.42 10.75 -38.93
N ILE B 15 -15.94 11.97 -38.81
CA ILE B 15 -17.32 12.15 -38.42
C ILE B 15 -18.14 13.04 -39.33
N LEU B 16 -19.42 13.12 -39.01
CA LEU B 16 -20.36 13.97 -39.70
C LEU B 16 -21.15 14.66 -38.61
N LEU B 17 -20.94 15.95 -38.49
CA LEU B 17 -21.67 16.75 -37.52
C LEU B 17 -22.84 17.46 -38.18
N ASN B 18 -24.01 17.47 -37.52
CA ASN B 18 -25.13 18.28 -37.95
C ASN B 18 -25.01 19.76 -37.63
N GLU B 19 -25.72 20.57 -38.40
CA GLU B 19 -25.86 21.98 -38.10
C GLU B 19 -25.87 22.16 -36.60
N GLN B 20 -26.45 21.21 -35.91
CA GLN B 20 -26.41 21.19 -34.47
C GLN B 20 -25.15 20.45 -34.04
N GLY B 21 -25.08 20.11 -32.77
CA GLY B 21 -23.89 19.48 -32.23
C GLY B 21 -23.90 17.98 -32.36
N GLU B 22 -24.98 17.47 -32.96
CA GLU B 22 -25.18 16.03 -33.11
C GLU B 22 -24.20 15.45 -34.14
N VAL B 23 -23.49 14.40 -33.74
CA VAL B 23 -22.75 13.61 -34.71
C VAL B 23 -23.67 12.63 -35.41
N VAL B 24 -23.74 12.76 -36.72
CA VAL B 24 -24.61 11.98 -37.54
C VAL B 24 -24.08 10.63 -37.98
N ALA B 25 -22.84 10.59 -38.42
CA ALA B 25 -22.23 9.39 -38.86
C ALA B 25 -20.77 9.40 -38.47
N ALA B 26 -20.20 8.21 -38.29
CA ALA B 26 -18.80 8.04 -37.92
C ALA B 26 -18.13 6.82 -38.54
N GLN B 27 -16.95 6.96 -39.08
CA GLN B 27 -16.23 5.81 -39.60
C GLN B 27 -14.82 5.79 -38.99
N THR B 28 -14.25 4.62 -38.81
CA THR B 28 -12.93 4.49 -38.21
C THR B 28 -12.08 3.49 -38.96
N GLU B 29 -10.80 3.79 -39.20
CA GLU B 29 -9.91 2.83 -39.87
C GLU B 29 -8.62 2.72 -39.09
N LYS B 30 -8.10 1.52 -38.98
CA LYS B 30 -6.90 1.24 -38.21
C LYS B 30 -5.61 1.58 -38.95
N LEU B 31 -4.63 2.04 -38.19
CA LEU B 31 -3.26 2.17 -38.65
C LEU B 31 -2.40 1.20 -37.88
N THR B 32 -1.35 0.72 -38.52
CA THR B 32 -0.25 0.09 -37.79
C THR B 32 0.91 1.04 -37.58
N VAL B 33 1.79 0.68 -36.66
CA VAL B 33 3.00 1.44 -36.36
C VAL B 33 4.24 0.57 -36.57
N SER B 34 5.34 1.19 -36.94
CA SER B 34 6.53 0.45 -37.32
C SER B 34 7.75 0.78 -36.47
N ARG B 35 8.60 -0.22 -36.27
CA ARG B 35 9.69 -0.15 -35.29
C ARG B 35 10.93 -0.90 -35.73
N PRO B 36 11.62 -0.31 -36.68
CA PRO B 36 12.58 -1.02 -37.53
C PRO B 36 13.96 -0.98 -36.88
N HIS B 37 14.09 -0.13 -35.88
CA HIS B 37 15.20 -0.16 -34.96
C HIS B 37 14.72 0.41 -33.64
N PRO B 38 15.59 0.41 -32.64
CA PRO B 38 15.20 0.73 -31.27
C PRO B 38 15.00 2.22 -31.04
N LEU B 39 13.93 2.55 -30.34
CA LEU B 39 13.55 3.94 -30.09
C LEU B 39 12.90 4.57 -31.31
N TRP B 40 12.74 3.76 -32.35
CA TRP B 40 12.12 4.23 -33.58
C TRP B 40 10.63 3.97 -33.56
N SER B 41 9.85 4.96 -33.97
CA SER B 41 8.41 4.81 -34.16
C SER B 41 7.99 5.55 -35.40
N GLU B 42 7.56 4.80 -36.41
CA GLU B 42 7.36 5.34 -37.74
C GLU B 42 6.01 4.94 -38.31
N GLN B 43 5.45 5.80 -39.16
CA GLN B 43 4.37 5.41 -40.04
C GLN B 43 4.60 5.95 -41.45
N ASP B 44 3.94 5.36 -42.43
CA ASP B 44 4.00 5.97 -43.74
C ASP B 44 2.81 6.79 -44.15
N PRO B 45 3.10 7.97 -44.64
CA PRO B 45 2.09 8.93 -45.01
C PRO B 45 1.07 8.31 -45.93
N GLU B 46 1.50 7.48 -46.86
CA GLU B 46 0.59 6.86 -47.80
C GLU B 46 -0.50 6.05 -47.11
N GLN B 47 -0.12 5.35 -46.05
CA GLN B 47 -1.07 4.63 -45.23
C GLN B 47 -2.02 5.55 -44.45
N TRP B 48 -1.50 6.65 -43.92
CA TRP B 48 -2.34 7.69 -43.37
C TRP B 48 -3.42 7.98 -44.38
N TRP B 49 -3.03 8.23 -45.62
CA TRP B 49 -3.97 8.65 -46.64
C TRP B 49 -4.94 7.55 -47.00
N GLN B 50 -4.40 6.39 -47.32
CA GLN B 50 -5.21 5.29 -47.77
C GLN B 50 -6.30 5.02 -46.74
N ALA B 51 -5.92 5.06 -45.48
CA ALA B 51 -6.87 4.91 -44.39
C ALA B 51 -7.87 6.04 -44.35
N THR B 52 -7.41 7.25 -44.63
CA THR B 52 -8.30 8.39 -44.52
C THR B 52 -9.33 8.36 -45.64
N ASP B 53 -8.85 8.29 -46.86
CA ASP B 53 -9.65 7.94 -48.02
C ASP B 53 -10.64 6.82 -47.77
N ARG B 54 -10.15 5.68 -47.29
CA ARG B 54 -11.01 4.56 -47.02
C ARG B 54 -12.11 4.98 -46.07
N ALA B 55 -11.77 5.79 -45.07
CA ALA B 55 -12.73 6.14 -44.04
C ALA B 55 -13.81 7.09 -44.56
N MET B 56 -13.41 8.05 -45.37
CA MET B 56 -14.34 9.06 -45.82
C MET B 56 -15.45 8.36 -46.62
N LYS B 57 -15.06 7.33 -47.35
CA LYS B 57 -15.99 6.57 -48.16
C LYS B 57 -16.89 5.65 -47.33
N ALA B 58 -16.31 4.85 -46.46
CA ALA B 58 -17.14 4.22 -45.45
C ALA B 58 -18.17 5.23 -44.93
N LEU B 59 -17.71 6.45 -44.70
CA LEU B 59 -18.58 7.49 -44.19
C LEU B 59 -19.63 7.86 -45.21
N GLY B 60 -19.21 8.12 -46.43
CA GLY B 60 -20.12 8.47 -47.48
C GLY B 60 -21.25 7.46 -47.57
N ASP B 61 -20.91 6.20 -47.40
CA ASP B 61 -21.79 5.10 -47.69
C ASP B 61 -22.65 4.77 -46.49
N GLN B 62 -22.44 5.50 -45.41
CA GLN B 62 -23.25 5.35 -44.20
C GLN B 62 -24.37 6.41 -44.14
N HIS B 63 -24.10 7.60 -44.64
CA HIS B 63 -25.07 8.67 -44.70
C HIS B 63 -24.62 9.63 -45.77
N SER B 64 -25.54 10.45 -46.24
CA SER B 64 -25.32 11.26 -47.43
C SER B 64 -24.39 12.42 -47.12
N LEU B 65 -23.50 12.74 -48.06
CA LEU B 65 -22.61 13.87 -47.90
C LEU B 65 -23.10 14.91 -48.93
N GLN B 66 -22.27 15.87 -49.26
CA GLN B 66 -22.69 16.87 -50.24
C GLN B 66 -23.85 17.84 -49.99
N ASP B 67 -24.49 17.79 -48.86
CA ASP B 67 -24.90 18.75 -47.83
C ASP B 67 -23.76 19.41 -47.01
N VAL B 68 -22.59 18.78 -47.01
CA VAL B 68 -21.44 19.27 -46.24
C VAL B 68 -20.95 20.60 -46.78
N LYS B 69 -20.89 21.61 -45.92
CA LYS B 69 -20.33 22.91 -46.30
C LYS B 69 -18.85 23.09 -45.99
N ALA B 70 -18.37 22.50 -44.90
CA ALA B 70 -16.95 22.60 -44.60
C ALA B 70 -16.32 21.36 -43.95
N LEU B 71 -14.99 21.25 -44.06
CA LEU B 71 -14.23 20.12 -43.54
C LEU B 71 -13.01 20.55 -42.72
N GLY B 72 -12.85 20.00 -41.52
CA GLY B 72 -11.68 20.24 -40.70
C GLY B 72 -10.88 18.99 -40.34
N ILE B 73 -9.61 19.21 -39.99
CA ILE B 73 -8.68 18.13 -39.70
C ILE B 73 -8.09 18.25 -38.31
N ALA B 74 -7.86 17.13 -37.66
CA ALA B 74 -6.92 17.07 -36.55
C ALA B 74 -5.97 15.89 -36.65
N GLY B 75 -4.95 15.87 -35.81
CA GLY B 75 -4.03 14.75 -35.77
C GLY B 75 -3.00 14.70 -34.67
N GLN B 76 -2.45 13.51 -34.48
CA GLN B 76 -1.22 13.31 -33.72
C GLN B 76 -0.20 14.41 -33.95
N MET B 77 0.35 14.92 -32.87
CA MET B 77 1.26 16.02 -32.96
C MET B 77 2.68 15.59 -33.28
N HIS B 78 3.51 16.56 -33.64
CA HIS B 78 4.96 16.42 -33.62
C HIS B 78 5.62 15.55 -34.67
N GLY B 79 4.84 14.80 -35.43
CA GLY B 79 5.37 13.90 -36.44
C GLY B 79 6.10 14.63 -37.56
N ALA B 80 7.35 14.23 -37.82
CA ALA B 80 8.10 14.73 -38.96
C ALA B 80 7.77 14.01 -40.27
N THR B 81 7.06 14.71 -41.15
CA THR B 81 6.91 14.29 -42.54
C THR B 81 7.78 15.09 -43.52
N LEU B 82 8.71 14.40 -44.16
CA LEU B 82 9.67 14.99 -45.08
C LEU B 82 9.28 14.76 -46.54
N LEU B 83 9.19 15.85 -47.30
CA LEU B 83 8.81 15.77 -48.69
C LEU B 83 9.88 16.31 -49.66
N ASP B 84 10.13 15.55 -50.73
CA ASP B 84 10.93 16.03 -51.84
C ASP B 84 10.18 17.01 -52.73
N ALA B 85 10.85 17.47 -53.78
CA ALA B 85 10.33 18.56 -54.57
C ALA B 85 9.13 18.14 -55.38
N GLN B 86 8.95 16.86 -55.56
CA GLN B 86 7.84 16.37 -56.29
C GLN B 86 6.71 16.09 -55.34
N GLN B 87 6.94 16.38 -54.08
CA GLN B 87 6.00 16.11 -53.03
C GLN B 87 5.97 14.64 -52.72
N ARG B 88 7.07 13.97 -52.98
CA ARG B 88 7.15 12.56 -52.69
C ARG B 88 7.77 12.36 -51.30
N VAL B 89 7.24 11.40 -50.57
CA VAL B 89 7.71 11.07 -49.23
C VAL B 89 9.17 10.66 -49.25
N LEU B 90 10.01 11.40 -48.53
CA LEU B 90 11.42 11.09 -48.48
C LEU B 90 11.70 9.85 -47.66
N ARG B 91 10.99 9.72 -46.54
CA ARG B 91 11.15 8.58 -45.64
C ARG B 91 9.91 8.50 -44.75
N PRO B 92 9.74 7.38 -44.07
CA PRO B 92 8.57 7.21 -43.22
C PRO B 92 8.53 8.29 -42.16
N ALA B 93 7.34 8.70 -41.75
CA ALA B 93 7.18 9.75 -40.75
C ALA B 93 7.79 9.32 -39.42
N ILE B 94 8.49 10.25 -38.78
CA ILE B 94 9.04 10.03 -37.46
C ILE B 94 8.11 10.57 -36.39
N LEU B 95 7.48 9.72 -35.61
CA LEU B 95 6.34 10.10 -34.80
C LEU B 95 6.67 10.78 -33.48
N TRP B 96 5.64 11.29 -32.83
CA TRP B 96 5.71 11.87 -31.50
C TRP B 96 6.35 10.94 -30.46
N ASN B 97 6.02 9.67 -30.54
CA ASN B 97 6.57 8.70 -29.62
C ASN B 97 7.83 8.01 -30.12
N ASP B 98 8.54 8.68 -31.03
CA ASP B 98 9.86 8.19 -31.46
C ASP B 98 10.92 8.65 -30.49
N GLY B 99 11.90 7.79 -30.17
CA GLY B 99 12.91 8.26 -29.25
C GLY B 99 14.37 8.22 -29.71
N ARG B 100 14.59 8.26 -31.02
CA ARG B 100 15.94 8.11 -31.56
C ARG B 100 16.89 9.27 -31.32
N CYS B 101 16.35 10.44 -31.01
CA CYS B 101 17.09 11.67 -31.21
C CYS B 101 17.43 12.48 -29.96
N ALA B 102 17.71 11.79 -28.88
CA ALA B 102 18.09 12.41 -27.62
C ALA B 102 19.35 13.28 -27.71
N GLN B 103 20.39 12.76 -28.30
CA GLN B 103 21.63 13.49 -28.43
C GLN B 103 21.40 14.77 -29.21
N GLU B 104 20.53 14.71 -30.21
CA GLU B 104 20.20 15.86 -31.01
C GLU B 104 19.40 16.94 -30.28
N CYS B 105 18.58 16.56 -29.31
CA CYS B 105 17.85 17.51 -28.51
C CYS B 105 18.91 18.34 -27.81
N THR B 106 19.95 17.67 -27.36
CA THR B 106 21.05 18.31 -26.68
C THR B 106 21.75 19.35 -27.49
N LEU B 107 22.18 18.98 -28.70
CA LEU B 107 22.86 19.90 -29.59
C LEU B 107 21.99 21.09 -29.94
N LEU B 108 20.74 20.84 -30.25
CA LEU B 108 19.81 21.87 -30.58
C LEU B 108 19.69 22.93 -29.51
N GLU B 109 19.52 22.52 -28.27
CA GLU B 109 19.46 23.41 -27.14
C GLU B 109 20.77 24.16 -26.94
N ALA B 110 21.88 23.52 -27.24
CA ALA B 110 23.19 24.13 -27.19
C ALA B 110 23.41 25.17 -28.27
N ARG B 111 22.88 24.92 -29.47
CA ARG B 111 22.99 25.87 -30.56
C ARG B 111 22.14 27.10 -30.29
N VAL B 112 20.99 26.86 -29.71
CA VAL B 112 20.10 27.94 -29.38
C VAL B 112 19.83 27.94 -27.89
N PRO B 113 20.66 28.64 -27.13
CA PRO B 113 20.48 28.71 -25.71
C PRO B 113 19.19 29.35 -25.30
N GLN B 114 18.60 30.15 -26.17
CA GLN B 114 17.33 30.82 -25.92
C GLN B 114 16.12 30.04 -26.40
N SER B 115 16.34 28.79 -26.78
CA SER B 115 15.30 27.92 -27.27
C SER B 115 14.14 27.72 -26.32
N ARG B 116 14.42 27.64 -25.03
CA ARG B 116 13.38 27.46 -24.03
C ARG B 116 12.57 28.70 -23.97
N VAL B 117 13.18 29.82 -24.23
CA VAL B 117 12.43 31.05 -24.19
C VAL B 117 11.56 31.20 -25.41
N ILE B 118 12.12 30.95 -26.57
CA ILE B 118 11.41 31.07 -27.83
C ILE B 118 10.20 30.16 -27.94
N THR B 119 10.39 28.91 -27.62
CA THR B 119 9.34 27.88 -27.76
C THR B 119 8.43 27.71 -26.54
N GLY B 120 8.90 28.16 -25.39
CA GLY B 120 8.20 27.93 -24.14
C GLY B 120 8.26 26.49 -23.66
N ASN B 121 9.12 25.70 -24.27
CA ASN B 121 9.18 24.27 -24.04
C ASN B 121 10.59 23.71 -23.81
N LEU B 122 10.66 22.76 -22.86
CA LEU B 122 11.58 21.65 -22.90
C LEU B 122 11.63 20.88 -24.23
N MET B 123 12.81 20.77 -24.81
CA MET B 123 13.01 19.92 -25.95
C MET B 123 12.93 18.44 -25.63
N MET B 124 12.09 17.73 -26.38
CA MET B 124 11.98 16.29 -26.28
C MET B 124 12.27 15.61 -27.60
N PRO B 125 12.67 14.35 -27.54
CA PRO B 125 12.97 13.56 -28.73
C PRO B 125 11.76 13.38 -29.64
N GLY B 126 10.57 13.41 -29.06
CA GLY B 126 9.33 13.41 -29.82
C GLY B 126 8.90 14.69 -30.51
N PHE B 127 9.50 15.83 -30.16
CA PHE B 127 9.25 17.07 -30.89
C PHE B 127 10.00 17.13 -32.21
N THR B 128 9.58 18.05 -33.08
CA THR B 128 9.86 17.93 -34.51
C THR B 128 11.30 18.33 -34.86
N ALA B 129 11.69 19.53 -34.47
CA ALA B 129 13.02 20.04 -34.77
C ALA B 129 14.18 19.05 -34.67
N PRO B 130 14.37 18.42 -33.51
CA PRO B 130 15.54 17.57 -33.29
C PRO B 130 15.56 16.32 -34.16
N LYS B 131 14.38 15.79 -34.48
CA LYS B 131 14.24 14.77 -35.50
C LYS B 131 14.97 15.15 -36.77
N LEU B 132 14.98 16.44 -37.07
CA LEU B 132 15.51 16.96 -38.32
C LEU B 132 17.02 17.07 -38.25
N LEU B 133 17.52 17.52 -37.12
CA LEU B 133 18.93 17.38 -36.80
C LEU B 133 19.43 15.95 -36.92
N TRP B 134 18.60 15.00 -36.54
CA TRP B 134 18.95 13.60 -36.64
C TRP B 134 19.10 13.11 -38.07
N VAL B 135 18.19 13.53 -38.94
CA VAL B 135 18.21 13.11 -40.33
C VAL B 135 19.43 13.67 -41.03
N GLN B 136 19.71 14.94 -40.80
CA GLN B 136 20.82 15.61 -41.43
C GLN B 136 22.15 15.01 -40.98
N ARG B 137 22.20 14.54 -39.74
CA ARG B 137 23.37 13.88 -39.23
C ARG B 137 23.50 12.43 -39.65
N HIS B 138 22.39 11.76 -39.92
CA HIS B 138 22.44 10.34 -40.16
C HIS B 138 21.98 9.93 -41.54
N GLU B 139 21.03 10.67 -42.10
CA GLU B 139 20.48 10.32 -43.42
C GLU B 139 20.64 11.47 -44.40
N PRO B 140 21.86 11.96 -44.51
CA PRO B 140 22.10 13.25 -45.15
C PRO B 140 21.60 13.25 -46.59
N GLU B 141 21.78 12.16 -47.30
CA GLU B 141 21.20 12.01 -48.64
C GLU B 141 19.73 12.37 -48.63
N ILE B 142 19.07 12.09 -47.50
CA ILE B 142 17.65 12.37 -47.38
C ILE B 142 17.45 13.82 -47.02
N PHE B 143 18.29 14.32 -46.13
CA PHE B 143 18.13 15.67 -45.63
C PHE B 143 18.23 16.67 -46.77
N ARG B 144 19.09 16.39 -47.74
CA ARG B 144 19.41 17.34 -48.80
C ARG B 144 18.25 17.50 -49.78
N GLN B 145 17.34 16.55 -49.79
CA GLN B 145 16.29 16.50 -50.77
C GLN B 145 14.98 17.07 -50.23
N ILE B 146 15.03 17.62 -49.02
CA ILE B 146 13.82 18.07 -48.34
C ILE B 146 13.31 19.37 -48.92
N ASP B 147 12.09 19.33 -49.46
CA ASP B 147 11.43 20.54 -49.91
C ASP B 147 10.50 21.09 -48.83
N LYS B 148 9.89 20.20 -48.08
CA LYS B 148 9.01 20.61 -46.98
C LYS B 148 8.98 19.63 -45.82
N VAL B 149 8.63 20.15 -44.65
CA VAL B 149 8.29 19.31 -43.52
C VAL B 149 6.87 19.58 -43.05
N LEU B 150 6.05 18.55 -43.08
CA LEU B 150 4.70 18.66 -42.59
C LEU B 150 4.44 17.81 -41.36
N LEU B 151 3.63 18.34 -40.49
CA LEU B 151 2.96 17.56 -39.49
C LEU B 151 1.92 16.65 -40.11
N PRO B 152 1.59 15.59 -39.42
CA PRO B 152 0.84 14.50 -40.02
C PRO B 152 -0.50 14.97 -40.59
N LYS B 153 -1.30 15.65 -39.79
CA LYS B 153 -2.57 16.18 -40.29
C LYS B 153 -2.39 17.10 -41.49
N ASP B 154 -1.26 17.79 -41.55
CA ASP B 154 -0.98 18.66 -42.66
C ASP B 154 -0.50 17.93 -43.90
N TYR B 155 0.07 16.75 -43.73
CA TYR B 155 0.26 15.87 -44.87
C TYR B 155 -1.08 15.54 -45.50
N LEU B 156 -2.04 15.17 -44.68
CA LEU B 156 -3.40 14.85 -45.14
C LEU B 156 -4.03 16.04 -45.85
N ARG B 157 -3.77 17.25 -45.35
CA ARG B 157 -4.28 18.45 -45.97
C ARG B 157 -3.73 18.62 -47.37
N LEU B 158 -2.43 18.41 -47.51
CA LEU B 158 -1.79 18.40 -48.81
C LEU B 158 -2.47 17.46 -49.78
N ARG B 159 -2.60 16.21 -49.41
CA ARG B 159 -3.30 15.27 -50.25
C ARG B 159 -4.71 15.76 -50.57
N MET B 160 -5.32 16.48 -49.64
CA MET B 160 -6.71 16.89 -49.76
C MET B 160 -6.90 18.11 -50.63
N THR B 161 -5.94 19.02 -50.61
CA THR B 161 -6.16 20.37 -51.15
C THR B 161 -5.08 20.83 -52.09
N GLY B 162 -3.88 20.29 -51.93
CA GLY B 162 -2.75 20.77 -52.69
C GLY B 162 -2.05 21.94 -52.05
N GLU B 163 -2.51 22.36 -50.87
CA GLU B 163 -1.84 23.42 -50.12
C GLU B 163 -0.90 22.89 -49.04
N PHE B 164 0.13 23.68 -48.75
CA PHE B 164 0.97 23.52 -47.57
C PHE B 164 0.61 24.48 -46.42
N ALA B 165 -0.02 23.96 -45.38
CA ALA B 165 -0.55 24.78 -44.31
C ALA B 165 -0.62 24.07 -42.99
N SER B 166 -0.36 24.80 -41.91
CA SER B 166 -0.59 24.30 -40.57
C SER B 166 -1.39 25.27 -39.72
N ASP B 167 -1.77 24.83 -38.54
CA ASP B 167 -2.36 25.71 -37.56
C ASP B 167 -1.42 25.94 -36.41
N MET B 168 -1.73 26.93 -35.57
CA MET B 168 -0.80 27.35 -34.55
C MET B 168 -0.56 26.32 -33.48
N SER B 169 -1.60 25.56 -33.13
CA SER B 169 -1.49 24.53 -32.12
C SER B 169 -0.57 23.39 -32.51
N ASP B 170 -0.69 22.91 -33.73
CA ASP B 170 0.25 21.95 -34.26
C ASP B 170 1.65 22.53 -34.41
N ALA B 171 1.76 23.66 -35.09
CA ALA B 171 3.06 24.21 -35.42
C ALA B 171 3.83 24.50 -34.14
N ALA B 172 3.12 24.92 -33.12
CA ALA B 172 3.70 25.12 -31.81
C ALA B 172 4.50 23.92 -31.34
N GLY B 173 4.07 22.73 -31.76
CA GLY B 173 4.72 21.49 -31.37
C GLY B 173 6.00 21.12 -32.10
N THR B 174 6.40 21.92 -33.09
CA THR B 174 7.60 21.65 -33.88
C THR B 174 8.88 22.07 -33.20
N MET B 175 8.78 23.05 -32.30
CA MET B 175 9.94 23.76 -31.78
C MET B 175 10.57 24.74 -32.77
N TRP B 176 9.85 25.03 -33.85
CA TRP B 176 10.29 26.06 -34.78
C TRP B 176 9.38 27.25 -34.66
N LEU B 177 8.31 27.11 -33.89
CA LEU B 177 7.43 28.22 -33.61
C LEU B 177 7.85 29.08 -32.41
N ASP B 178 7.94 30.38 -32.65
CA ASP B 178 7.78 31.36 -31.60
C ASP B 178 6.35 31.43 -31.07
N VAL B 179 6.14 30.77 -29.95
CA VAL B 179 4.81 30.47 -29.47
C VAL B 179 4.13 31.77 -29.06
N ALA B 180 4.90 32.64 -28.43
CA ALA B 180 4.42 33.94 -28.02
C ALA B 180 3.99 34.76 -29.21
N LYS B 181 4.70 34.63 -30.32
CA LYS B 181 4.46 35.49 -31.46
C LYS B 181 3.52 34.88 -32.50
N ARG B 182 3.18 33.61 -32.30
CA ARG B 182 2.37 32.87 -33.25
C ARG B 182 2.92 32.97 -34.67
N ASP B 183 4.21 32.68 -34.80
CA ASP B 183 4.92 32.75 -36.06
C ASP B 183 6.23 31.98 -35.94
N TRP B 184 6.81 31.58 -37.07
CA TRP B 184 8.04 30.82 -37.06
C TRP B 184 9.17 31.60 -36.41
N SER B 185 10.12 30.87 -35.84
CA SER B 185 11.40 31.41 -35.41
C SER B 185 12.54 31.11 -36.40
N ASP B 186 13.05 32.16 -37.04
CA ASP B 186 14.18 32.05 -37.94
C ASP B 186 15.41 31.49 -37.23
N VAL B 187 15.58 31.87 -35.98
CA VAL B 187 16.65 31.33 -35.16
C VAL B 187 16.60 29.81 -35.04
N MET B 188 15.44 29.27 -34.71
CA MET B 188 15.32 27.85 -34.48
C MET B 188 15.45 27.09 -35.79
N LEU B 189 14.94 27.66 -36.87
CA LEU B 189 14.99 27.04 -38.17
C LEU B 189 16.39 26.94 -38.73
N GLN B 190 17.12 28.02 -38.69
CA GLN B 190 18.49 28.06 -39.13
C GLN B 190 19.33 27.02 -38.41
N ALA B 191 19.14 26.93 -37.11
CA ALA B 191 19.94 26.07 -36.27
C ALA B 191 19.75 24.62 -36.69
N CYS B 192 18.61 24.34 -37.31
CA CYS B 192 18.37 23.04 -37.92
C CYS B 192 18.72 23.05 -39.39
N ASP B 193 19.31 24.16 -39.84
CA ASP B 193 19.68 24.34 -41.22
C ASP B 193 18.46 24.21 -42.11
N LEU B 194 17.41 24.92 -41.75
CA LEU B 194 16.21 24.97 -42.56
C LEU B 194 15.75 26.40 -42.69
N SER B 195 14.86 26.65 -43.63
CA SER B 195 14.25 27.97 -43.75
C SER B 195 12.71 27.96 -43.83
N ARG B 196 12.10 29.10 -43.69
CA ARG B 196 10.66 29.25 -43.80
C ARG B 196 10.15 28.72 -45.11
N ASP B 197 11.01 28.83 -46.15
CA ASP B 197 10.80 28.21 -47.44
C ASP B 197 10.33 26.79 -47.25
N GLN B 198 10.83 26.10 -46.21
CA GLN B 198 10.50 24.70 -46.05
C GLN B 198 9.41 24.39 -45.01
N MET B 199 8.84 25.44 -44.45
CA MET B 199 7.65 25.34 -43.61
C MET B 199 6.37 25.58 -44.40
N PRO B 200 5.29 24.98 -43.95
CA PRO B 200 3.96 25.40 -44.35
C PRO B 200 3.60 26.79 -43.85
N ALA B 201 2.57 27.36 -44.44
CA ALA B 201 2.02 28.63 -44.04
C ALA B 201 1.19 28.49 -42.77
N LEU B 202 1.16 29.53 -41.97
CA LEU B 202 0.56 29.48 -40.65
C LEU B 202 -0.84 30.12 -40.58
N TYR B 203 -1.79 29.36 -40.05
CA TYR B 203 -3.15 29.82 -39.85
C TYR B 203 -3.62 29.59 -38.41
N GLU B 204 -4.60 30.38 -37.98
CA GLU B 204 -5.45 29.99 -36.87
C GLU B 204 -6.37 28.82 -37.23
N GLY B 205 -6.73 28.02 -36.24
CA GLY B 205 -7.45 26.81 -36.47
C GLY B 205 -8.79 26.99 -37.17
N SER B 206 -9.40 28.12 -36.94
CA SER B 206 -10.70 28.45 -37.52
C SER B 206 -10.64 29.03 -38.93
N GLU B 207 -9.43 29.24 -39.43
CA GLU B 207 -9.23 29.88 -40.71
C GLU B 207 -9.14 28.89 -41.87
N ILE B 208 -9.53 29.35 -43.06
CA ILE B 208 -9.61 28.55 -44.26
C ILE B 208 -8.24 28.41 -44.89
N THR B 209 -7.90 27.18 -45.24
CA THR B 209 -6.61 26.91 -45.84
C THR B 209 -6.73 26.63 -47.33
N GLY B 210 -7.96 26.33 -47.75
CA GLY B 210 -8.22 25.91 -49.11
C GLY B 210 -9.51 25.14 -49.26
N ALA B 211 -9.62 24.38 -50.33
CA ALA B 211 -10.78 23.54 -50.56
C ALA B 211 -10.39 22.21 -51.16
N LEU B 212 -11.23 21.20 -50.96
CA LEU B 212 -11.04 19.92 -51.59
C LEU B 212 -10.68 20.10 -53.07
N LEU B 213 -9.75 19.30 -53.54
CA LEU B 213 -9.53 19.12 -54.97
C LEU B 213 -10.68 18.41 -55.66
N PRO B 214 -10.93 18.75 -56.90
CA PRO B 214 -12.08 18.20 -57.63
C PRO B 214 -12.07 16.69 -57.58
N GLU B 215 -10.95 16.13 -57.96
CA GLU B 215 -10.73 14.69 -57.88
C GLU B 215 -11.18 14.13 -56.54
N VAL B 216 -10.70 14.74 -55.47
CA VAL B 216 -10.92 14.22 -54.14
C VAL B 216 -12.37 14.41 -53.78
N ALA B 217 -12.90 15.57 -54.11
CA ALA B 217 -14.31 15.88 -53.91
C ALA B 217 -15.22 14.93 -54.66
N LYS B 218 -14.80 14.52 -55.84
CA LYS B 218 -15.54 13.52 -56.59
C LYS B 218 -15.46 12.18 -55.94
N ALA B 219 -14.25 11.72 -55.70
CA ALA B 219 -14.04 10.47 -54.99
C ALA B 219 -14.95 10.34 -53.77
N TRP B 220 -15.23 11.46 -53.10
CA TRP B 220 -15.78 11.39 -51.77
C TRP B 220 -17.29 11.59 -51.74
N GLY B 221 -17.85 12.07 -52.83
CA GLY B 221 -19.29 12.20 -52.90
C GLY B 221 -19.75 13.52 -52.32
N MET B 222 -19.03 14.58 -52.69
CA MET B 222 -19.28 15.87 -52.12
C MET B 222 -18.57 16.95 -52.93
N ALA B 223 -18.83 18.21 -52.58
CA ALA B 223 -18.35 19.35 -53.34
C ALA B 223 -16.92 19.67 -52.98
N THR B 224 -16.33 20.63 -53.69
CA THR B 224 -15.03 21.15 -53.30
C THR B 224 -15.15 22.03 -52.06
N VAL B 225 -15.74 21.47 -51.02
CA VAL B 225 -15.92 22.14 -49.75
C VAL B 225 -14.62 22.72 -49.19
N PRO B 226 -14.73 23.81 -48.47
CA PRO B 226 -13.59 24.46 -47.85
C PRO B 226 -12.95 23.66 -46.72
N VAL B 227 -11.62 23.71 -46.66
CA VAL B 227 -10.87 23.11 -45.57
C VAL B 227 -10.20 24.11 -44.63
N VAL B 228 -10.52 23.99 -43.35
CA VAL B 228 -9.94 24.83 -42.32
C VAL B 228 -8.65 24.26 -41.73
N ALA B 229 -7.92 25.09 -40.99
CA ALA B 229 -6.59 24.75 -40.54
C ALA B 229 -6.59 23.64 -39.48
N GLY B 230 -7.62 23.61 -38.64
CA GLY B 230 -7.79 22.57 -37.65
C GLY B 230 -6.91 22.70 -36.42
N GLY B 231 -6.52 21.56 -35.84
CA GLY B 231 -5.58 21.54 -34.74
C GLY B 231 -4.88 20.22 -34.46
N GLY B 232 -3.79 20.27 -33.70
CA GLY B 232 -3.28 19.15 -32.96
C GLY B 232 -4.37 18.48 -32.15
N ASP B 233 -4.22 17.19 -31.89
CA ASP B 233 -5.34 16.46 -31.33
C ASP B 233 -5.85 16.96 -29.98
N ASN B 234 -4.95 17.15 -29.02
CA ASN B 234 -5.34 17.72 -27.73
C ASN B 234 -6.08 19.05 -27.84
N ALA B 235 -5.59 19.97 -28.67
CA ALA B 235 -6.25 21.26 -28.82
C ALA B 235 -7.58 21.11 -29.52
N ALA B 236 -7.59 20.36 -30.62
CA ALA B 236 -8.82 20.08 -31.34
C ALA B 236 -9.84 19.40 -30.46
N GLY B 237 -9.38 18.44 -29.67
CA GLY B 237 -10.17 17.84 -28.59
C GLY B 237 -10.84 18.86 -27.72
N ALA B 238 -10.04 19.77 -27.17
CA ALA B 238 -10.51 20.80 -26.27
C ALA B 238 -11.54 21.68 -26.95
N VAL B 239 -11.31 21.98 -28.21
CA VAL B 239 -12.27 22.75 -28.99
C VAL B 239 -13.60 22.01 -29.02
N GLY B 240 -13.54 20.73 -29.36
CA GLY B 240 -14.70 19.85 -29.27
C GLY B 240 -15.47 19.93 -27.97
N VAL B 241 -14.76 19.89 -26.86
CA VAL B 241 -15.37 19.85 -25.54
C VAL B 241 -15.94 21.21 -25.11
N GLY B 242 -15.32 22.27 -25.58
CA GLY B 242 -15.76 23.60 -25.24
C GLY B 242 -14.78 24.32 -24.35
N MET B 243 -13.64 23.68 -24.12
CA MET B 243 -12.60 24.23 -23.28
C MET B 243 -11.69 25.13 -24.06
N VAL B 244 -12.05 26.41 -24.08
CA VAL B 244 -11.60 27.28 -25.14
C VAL B 244 -11.16 28.67 -24.65
N ASP B 245 -11.54 29.01 -23.43
CA ASP B 245 -11.18 30.29 -22.85
C ASP B 245 -10.40 30.13 -21.55
N ALA B 246 -9.78 31.22 -21.10
CA ALA B 246 -8.85 31.19 -19.98
C ALA B 246 -9.34 30.43 -18.77
N ASN B 247 -8.46 29.60 -18.24
CA ASN B 247 -8.73 28.82 -17.05
C ASN B 247 -9.75 27.70 -17.18
N GLN B 248 -10.28 27.50 -18.37
CA GLN B 248 -10.99 26.26 -18.68
C GLN B 248 -10.00 25.12 -18.83
N ALA B 249 -10.39 23.92 -18.42
CA ALA B 249 -9.49 22.80 -18.40
C ALA B 249 -10.25 21.50 -18.50
N MET B 250 -9.56 20.48 -19.00
CA MET B 250 -10.08 19.13 -19.05
C MET B 250 -9.02 18.08 -18.72
N LEU B 251 -9.45 17.08 -17.97
CA LEU B 251 -8.61 15.99 -17.54
C LEU B 251 -9.06 14.67 -18.15
N SER B 252 -8.15 14.00 -18.84
CA SER B 252 -8.45 12.77 -19.55
C SER B 252 -8.10 11.53 -18.73
N LEU B 253 -9.13 10.75 -18.38
CA LEU B 253 -8.99 9.63 -17.47
C LEU B 253 -8.91 8.33 -18.24
N GLY B 254 -8.69 8.43 -19.53
CA GLY B 254 -8.62 7.27 -20.38
C GLY B 254 -7.26 6.62 -20.36
N THR B 255 -6.91 6.00 -21.46
CA THR B 255 -5.72 5.17 -21.54
C THR B 255 -4.49 6.04 -21.63
N SER B 256 -4.70 7.33 -21.87
CA SER B 256 -3.64 8.22 -22.27
C SER B 256 -3.76 9.52 -21.50
N GLY B 257 -3.28 9.50 -20.26
CA GLY B 257 -3.59 10.55 -19.33
C GLY B 257 -2.98 11.90 -19.70
N VAL B 258 -3.82 12.93 -19.68
CA VAL B 258 -3.44 14.29 -20.07
C VAL B 258 -4.27 15.30 -19.31
N TYR B 259 -3.63 16.36 -18.85
CA TYR B 259 -4.33 17.53 -18.39
C TYR B 259 -4.11 18.67 -19.36
N PHE B 260 -5.20 19.28 -19.79
CA PHE B 260 -5.20 20.37 -20.75
C PHE B 260 -5.89 21.56 -20.10
N ALA B 261 -5.21 22.69 -20.08
CA ALA B 261 -5.73 23.88 -19.46
C ALA B 261 -5.43 25.12 -20.30
N VAL B 262 -6.48 25.83 -20.71
CA VAL B 262 -6.34 27.12 -21.35
C VAL B 262 -5.78 28.17 -20.40
N SER B 263 -4.79 28.89 -20.88
CA SER B 263 -4.08 29.87 -20.07
C SER B 263 -4.59 31.25 -20.39
N GLU B 264 -4.48 32.15 -19.42
CA GLU B 264 -4.62 33.55 -19.70
C GLU B 264 -3.42 34.12 -20.44
N GLY B 265 -3.54 34.27 -21.76
CA GLY B 265 -2.40 34.40 -22.62
C GLY B 265 -1.34 33.33 -22.44
N PHE B 266 -0.17 33.60 -23.00
CA PHE B 266 0.89 32.61 -23.07
C PHE B 266 1.65 32.53 -21.75
N LEU B 267 1.81 31.30 -21.25
CA LEU B 267 2.65 31.02 -20.09
C LEU B 267 3.58 29.82 -20.32
N SER B 268 4.64 29.77 -19.54
CA SER B 268 5.64 28.70 -19.64
C SER B 268 6.32 28.39 -18.34
N LYS B 269 6.52 27.10 -18.09
CA LYS B 269 7.52 26.61 -17.16
C LYS B 269 8.45 25.62 -17.84
N PRO B 270 9.48 26.13 -18.50
CA PRO B 270 10.14 25.40 -19.56
C PRO B 270 11.03 24.30 -19.03
N GLU B 271 11.34 24.33 -17.74
CA GLU B 271 12.08 23.24 -17.12
C GLU B 271 11.18 22.28 -16.37
N SER B 272 10.12 21.83 -17.02
CA SER B 272 9.22 20.89 -16.37
C SER B 272 8.63 19.98 -17.42
N ALA B 273 7.70 19.14 -17.00
CA ALA B 273 6.85 18.38 -17.93
C ALA B 273 5.62 19.16 -18.34
N VAL B 274 5.55 20.42 -17.94
CA VAL B 274 4.43 21.26 -18.30
C VAL B 274 4.70 21.95 -19.60
N HIS B 275 4.07 21.50 -20.66
CA HIS B 275 4.30 22.08 -21.95
C HIS B 275 3.30 23.16 -22.31
N SER B 276 3.71 24.07 -23.15
CA SER B 276 2.89 25.22 -23.47
C SER B 276 2.81 25.45 -25.00
N PHE B 277 1.60 25.56 -25.50
CA PHE B 277 1.35 25.66 -26.93
C PHE B 277 0.28 26.70 -27.25
N CYS B 278 0.26 27.18 -28.49
CA CYS B 278 -0.91 27.83 -29.04
C CYS B 278 -2.14 26.92 -28.99
N HIS B 279 -3.31 27.50 -28.72
CA HIS B 279 -4.58 26.82 -28.95
C HIS B 279 -4.93 26.88 -30.42
N ALA B 280 -5.91 26.10 -30.83
CA ALA B 280 -6.38 26.10 -32.21
C ALA B 280 -7.51 27.08 -32.43
N LEU B 281 -7.39 28.22 -31.77
CA LEU B 281 -8.23 29.36 -32.03
C LEU B 281 -7.44 30.64 -31.81
N PRO B 282 -7.90 31.73 -32.43
CA PRO B 282 -7.22 33.02 -32.34
C PRO B 282 -7.04 33.45 -30.89
N GLN B 283 -5.87 33.99 -30.60
CA GLN B 283 -5.61 34.65 -29.34
C GLN B 283 -5.70 33.76 -28.11
N ARG B 284 -5.65 32.44 -28.31
CA ARG B 284 -5.62 31.51 -27.20
C ARG B 284 -4.31 30.75 -27.14
N TRP B 285 -3.86 30.49 -25.92
CA TRP B 285 -2.82 29.53 -25.62
C TRP B 285 -3.28 28.50 -24.56
N HIS B 286 -2.54 27.40 -24.45
CA HIS B 286 -2.77 26.45 -23.39
C HIS B 286 -1.51 25.83 -22.81
N LEU B 287 -1.64 25.31 -21.60
CA LEU B 287 -0.72 24.36 -21.03
C LEU B 287 -1.23 22.95 -21.18
N MET B 288 -0.31 22.01 -21.17
CA MET B 288 -0.65 20.61 -21.01
C MET B 288 0.44 19.73 -20.41
N SER B 289 0.01 18.67 -19.74
CA SER B 289 0.89 17.78 -19.01
C SER B 289 0.44 16.34 -19.14
N VAL B 290 1.37 15.45 -19.46
CA VAL B 290 1.15 14.02 -19.35
C VAL B 290 0.85 13.61 -17.91
N MET B 291 -0.09 12.69 -17.76
CA MET B 291 -0.50 12.25 -16.44
C MET B 291 -0.46 10.73 -16.31
N LEU B 292 -0.46 10.26 -15.07
CA LEU B 292 -1.01 8.97 -14.69
C LEU B 292 -2.23 8.64 -15.51
N SER B 293 -2.18 7.55 -16.26
CA SER B 293 -3.35 7.03 -16.92
C SER B 293 -4.23 6.26 -15.97
N ALA B 294 -5.41 6.80 -15.70
CA ALA B 294 -6.32 6.23 -14.71
C ALA B 294 -6.83 4.91 -15.17
N ALA B 295 -7.19 4.83 -16.44
CA ALA B 295 -7.82 3.65 -16.99
C ALA B 295 -6.85 2.47 -16.97
N SER B 296 -5.63 2.70 -17.41
CA SER B 296 -4.58 1.70 -17.34
C SER B 296 -4.40 1.20 -15.91
N CYS B 297 -4.20 2.13 -14.98
CA CYS B 297 -3.92 1.78 -13.60
C CYS B 297 -5.05 1.01 -12.90
N LEU B 298 -6.28 1.42 -13.15
CA LEU B 298 -7.46 0.73 -12.65
C LEU B 298 -7.63 -0.68 -13.21
N ASP B 299 -7.40 -0.83 -14.50
CA ASP B 299 -7.31 -2.15 -15.12
C ASP B 299 -6.34 -3.06 -14.38
N TRP B 300 -5.14 -2.58 -14.14
CA TRP B 300 -4.12 -3.40 -13.51
C TRP B 300 -4.50 -3.75 -12.09
N ALA B 301 -4.95 -2.73 -11.37
CA ALA B 301 -5.38 -2.88 -10.00
C ALA B 301 -6.47 -3.93 -9.89
N ALA B 302 -7.33 -3.96 -10.91
CA ALA B 302 -8.42 -4.93 -10.92
C ALA B 302 -7.88 -6.36 -10.91
N LYS B 303 -6.95 -6.61 -11.81
CA LYS B 303 -6.31 -7.91 -11.89
C LYS B 303 -5.50 -8.24 -10.62
N LEU B 304 -4.69 -7.28 -10.20
CA LEU B 304 -3.90 -7.41 -8.98
C LEU B 304 -4.75 -7.84 -7.80
N THR B 305 -5.88 -7.18 -7.60
CA THR B 305 -6.76 -7.50 -6.49
C THR B 305 -7.55 -8.78 -6.70
N GLY B 306 -7.53 -9.28 -7.94
CA GLY B 306 -8.39 -10.38 -8.32
C GLY B 306 -9.85 -10.01 -8.55
N LEU B 307 -10.11 -8.74 -8.77
CA LEU B 307 -11.48 -8.29 -9.01
C LEU B 307 -11.77 -8.11 -10.49
N SER B 308 -10.88 -8.63 -11.32
CA SER B 308 -11.24 -9.00 -12.69
C SER B 308 -11.93 -7.94 -13.53
N ASN B 309 -12.01 -6.72 -13.01
CA ASN B 309 -12.62 -5.64 -13.77
C ASN B 309 -12.70 -4.35 -12.95
N VAL B 310 -12.96 -3.25 -13.63
CA VAL B 310 -12.82 -1.92 -13.07
C VAL B 310 -14.12 -1.57 -12.35
N PRO B 311 -15.25 -1.82 -13.00
CA PRO B 311 -16.54 -1.59 -12.35
C PRO B 311 -16.64 -2.39 -11.04
N ALA B 312 -16.23 -3.65 -11.08
CA ALA B 312 -16.12 -4.45 -9.90
C ALA B 312 -15.19 -3.84 -8.87
N LEU B 313 -14.04 -3.35 -9.33
CA LEU B 313 -13.10 -2.70 -8.43
C LEU B 313 -13.69 -1.48 -7.75
N ILE B 314 -14.36 -0.64 -8.52
CA ILE B 314 -15.02 0.55 -8.00
C ILE B 314 -16.16 0.21 -7.07
N ALA B 315 -16.99 -0.73 -7.49
CA ALA B 315 -18.04 -1.26 -6.65
C ALA B 315 -17.51 -1.72 -5.30
N ALA B 316 -16.45 -2.51 -5.32
CA ALA B 316 -15.85 -2.99 -4.10
C ALA B 316 -15.35 -1.84 -3.22
N ALA B 317 -14.69 -0.87 -3.82
CA ALA B 317 -14.17 0.26 -3.09
C ALA B 317 -15.26 0.90 -2.25
N GLN B 318 -16.47 0.95 -2.81
CA GLN B 318 -17.60 1.54 -2.12
C GLN B 318 -17.97 0.75 -0.88
N GLN B 319 -17.70 -0.55 -0.91
CA GLN B 319 -18.09 -1.42 0.19
C GLN B 319 -17.08 -1.39 1.36
N ALA B 320 -15.90 -0.88 1.09
CA ALA B 320 -14.86 -0.81 2.12
C ALA B 320 -15.40 -0.18 3.38
N ASP B 321 -14.78 -0.50 4.50
CA ASP B 321 -15.30 -0.10 5.79
C ASP B 321 -14.46 0.96 6.47
N GLU B 322 -15.12 1.84 7.20
CA GLU B 322 -14.78 3.23 7.17
C GLU B 322 -13.98 3.56 8.39
N SER B 323 -13.65 2.51 9.13
CA SER B 323 -13.15 2.65 10.48
C SER B 323 -11.76 2.08 10.48
N ALA B 324 -11.53 1.11 9.61
CA ALA B 324 -10.21 0.83 9.10
C ALA B 324 -9.39 2.04 8.74
N GLU B 325 -8.13 2.02 9.12
CA GLU B 325 -7.26 3.11 8.77
C GLU B 325 -6.90 3.12 7.31
N PRO B 326 -6.49 4.29 6.85
CA PRO B 326 -5.89 4.46 5.52
C PRO B 326 -4.77 3.47 5.22
N VAL B 327 -4.92 2.74 4.12
CA VAL B 327 -3.81 2.20 3.36
C VAL B 327 -3.44 3.14 2.24
N TRP B 328 -2.15 3.20 1.92
CA TRP B 328 -1.68 4.00 0.83
C TRP B 328 -1.25 3.16 -0.36
N PHE B 329 -1.82 3.47 -1.52
CA PHE B 329 -1.40 2.87 -2.77
C PHE B 329 -0.55 3.83 -3.57
N LEU B 330 0.67 3.41 -3.87
CA LEU B 330 1.56 4.24 -4.64
C LEU B 330 1.84 3.69 -6.02
N PRO B 331 1.27 4.33 -7.03
CA PRO B 331 1.46 3.93 -8.42
C PRO B 331 2.65 4.57 -9.07
N TYR B 332 3.46 3.79 -9.76
CA TYR B 332 4.62 4.30 -10.44
C TYR B 332 4.50 4.14 -11.92
N LEU B 333 4.06 5.24 -12.58
CA LEU B 333 4.01 5.22 -14.03
C LEU B 333 5.40 5.07 -14.64
N SER B 334 6.30 5.05 -13.63
CA SER B 334 7.73 4.99 -13.88
C SER B 334 8.51 5.78 -12.85
N GLN B 344 7.93 1.25 -14.59
CA GLN B 344 7.17 0.70 -15.70
C GLN B 344 5.84 0.08 -15.31
N ALA B 345 4.95 0.90 -14.78
CA ALA B 345 3.63 0.46 -14.37
C ALA B 345 3.72 -0.50 -13.19
N LYS B 346 4.16 0.03 -12.06
CA LYS B 346 4.33 -0.74 -10.84
C LYS B 346 3.64 -0.07 -9.67
N GLY B 347 3.77 -0.64 -8.48
CA GLY B 347 3.14 -0.10 -7.29
C GLY B 347 3.48 -0.65 -5.91
N VAL B 348 3.03 0.06 -4.89
CA VAL B 348 3.23 -0.28 -3.48
C VAL B 348 1.93 -0.07 -2.72
N PHE B 349 1.57 -1.03 -1.88
CA PHE B 349 0.66 -0.80 -0.76
C PHE B 349 1.42 -0.61 0.54
N PHE B 350 1.12 0.48 1.24
CA PHE B 350 1.81 0.81 2.48
C PHE B 350 0.79 1.04 3.59
N GLY B 351 0.93 0.28 4.66
CA GLY B 351 0.10 0.44 5.84
C GLY B 351 -0.98 -0.61 5.97
N LEU B 352 -0.69 -1.79 5.46
CA LEU B 352 -1.64 -2.86 5.47
C LEU B 352 -1.76 -3.42 6.87
N THR B 353 -2.99 -3.54 7.34
CA THR B 353 -3.28 -4.20 8.59
C THR B 353 -4.23 -5.36 8.41
N HIS B 354 -4.56 -5.97 9.53
CA HIS B 354 -5.48 -7.08 9.54
C HIS B 354 -6.88 -6.68 9.10
N GLN B 355 -7.17 -5.39 9.11
CA GLN B 355 -8.49 -4.89 8.77
C GLN B 355 -8.74 -4.59 7.28
N HIS B 356 -7.90 -5.10 6.41
CA HIS B 356 -7.84 -4.62 5.05
C HIS B 356 -8.12 -5.76 4.09
N GLY B 357 -9.31 -5.75 3.50
CA GLY B 357 -9.68 -6.76 2.53
C GLY B 357 -9.64 -6.17 1.16
N PRO B 358 -10.00 -6.98 0.17
CA PRO B 358 -10.06 -6.50 -1.20
C PRO B 358 -10.88 -5.23 -1.34
N ASN B 359 -11.87 -5.02 -0.49
CA ASN B 359 -12.57 -3.75 -0.47
C ASN B 359 -11.65 -2.59 -0.13
N GLU B 360 -11.10 -2.62 1.08
CA GLU B 360 -10.15 -1.62 1.53
C GLU B 360 -9.08 -1.38 0.49
N LEU B 361 -8.63 -2.47 -0.11
CA LEU B 361 -7.55 -2.41 -1.05
C LEU B 361 -7.96 -1.62 -2.27
N ALA B 362 -9.22 -1.79 -2.66
CA ALA B 362 -9.77 -1.11 -3.82
C ALA B 362 -9.93 0.38 -3.58
N ARG B 363 -10.43 0.73 -2.40
CA ARG B 363 -10.50 2.12 -1.98
C ARG B 363 -9.12 2.76 -2.04
N ALA B 364 -8.10 2.03 -1.63
CA ALA B 364 -6.74 2.56 -1.61
C ALA B 364 -6.19 2.81 -3.00
N VAL B 365 -6.56 1.95 -3.94
CA VAL B 365 -6.23 2.16 -5.33
C VAL B 365 -6.88 3.42 -5.92
N LEU B 366 -8.16 3.59 -5.66
CA LEU B 366 -8.88 4.75 -6.13
C LEU B 366 -8.32 6.04 -5.56
N GLU B 367 -8.05 6.05 -4.26
CA GLU B 367 -7.53 7.22 -3.57
C GLU B 367 -6.13 7.62 -4.02
N GLY B 368 -5.29 6.62 -4.27
CA GLY B 368 -3.91 6.87 -4.64
C GLY B 368 -3.72 7.32 -6.07
N VAL B 369 -4.52 6.78 -6.98
CA VAL B 369 -4.63 7.35 -8.32
C VAL B 369 -5.10 8.79 -8.25
N GLY B 370 -6.12 9.04 -7.45
CA GLY B 370 -6.57 10.40 -7.17
C GLY B 370 -5.54 11.30 -6.53
N TYR B 371 -4.77 10.77 -5.57
CA TYR B 371 -3.68 11.55 -4.99
C TYR B 371 -2.72 12.03 -6.11
N ALA B 372 -2.35 11.10 -6.99
CA ALA B 372 -1.44 11.39 -8.07
C ALA B 372 -2.00 12.38 -9.08
N LEU B 373 -3.25 12.18 -9.48
CA LEU B 373 -3.90 13.06 -10.43
C LEU B 373 -3.97 14.47 -9.89
N ALA B 374 -4.28 14.60 -8.61
CA ALA B 374 -4.44 15.89 -7.98
C ALA B 374 -3.15 16.68 -7.96
N ASP B 375 -2.06 15.99 -7.62
CA ASP B 375 -0.75 16.61 -7.58
C ASP B 375 -0.31 17.04 -8.97
N GLY B 376 -0.66 16.25 -9.96
CA GLY B 376 -0.36 16.56 -11.34
C GLY B 376 -1.05 17.82 -11.85
N MET B 377 -2.32 17.95 -11.51
CA MET B 377 -3.07 19.17 -11.72
C MET B 377 -2.50 20.39 -11.00
N ASP B 378 -2.14 20.23 -9.73
CA ASP B 378 -1.56 21.28 -8.95
C ASP B 378 -0.33 21.87 -9.62
N VAL B 379 0.45 20.99 -10.23
CA VAL B 379 1.66 21.38 -10.95
C VAL B 379 1.40 22.32 -12.12
N VAL B 380 0.47 21.93 -12.98
CA VAL B 380 -0.07 22.81 -13.99
C VAL B 380 -0.58 24.15 -13.43
N HIS B 381 -1.43 24.08 -12.43
CA HIS B 381 -2.02 25.28 -11.84
C HIS B 381 -0.96 26.21 -11.29
N ALA B 382 0.15 25.65 -10.83
CA ALA B 382 1.22 26.43 -10.22
C ALA B 382 1.91 27.30 -11.25
N CYS B 383 1.68 26.98 -12.52
CA CYS B 383 2.19 27.76 -13.63
C CYS B 383 1.34 28.99 -13.90
N GLY B 384 0.20 29.09 -13.22
CA GLY B 384 -0.65 30.26 -13.32
C GLY B 384 -2.02 29.99 -13.92
N ILE B 385 -2.59 28.84 -13.61
CA ILE B 385 -3.93 28.52 -14.05
C ILE B 385 -4.83 28.29 -12.85
N LYS B 386 -6.03 28.84 -12.89
CA LYS B 386 -6.98 28.68 -11.81
C LYS B 386 -8.38 28.32 -12.28
N PRO B 387 -8.67 27.03 -12.37
CA PRO B 387 -9.91 26.58 -12.95
C PRO B 387 -11.09 26.76 -12.01
N GLN B 388 -12.23 27.12 -12.57
CA GLN B 388 -13.45 27.16 -11.80
C GLN B 388 -14.05 25.78 -11.77
N SER B 389 -13.86 25.05 -12.85
CA SER B 389 -14.15 23.65 -12.87
C SER B 389 -13.30 22.93 -13.89
N VAL B 390 -13.31 21.64 -13.80
CA VAL B 390 -12.57 20.80 -14.73
C VAL B 390 -13.49 19.78 -15.34
N THR B 391 -13.38 19.60 -16.64
CA THR B 391 -14.19 18.64 -17.35
C THR B 391 -13.47 17.31 -17.52
N LEU B 392 -14.21 16.24 -17.24
CA LEU B 392 -13.67 14.91 -17.07
C LEU B 392 -14.08 14.04 -18.25
N ILE B 393 -13.11 13.50 -18.97
CA ILE B 393 -13.37 12.63 -20.10
C ILE B 393 -12.65 11.29 -20.04
N GLY B 394 -13.20 10.31 -20.76
CA GLY B 394 -12.55 9.03 -20.92
C GLY B 394 -13.03 7.99 -19.93
N GLY B 395 -12.54 6.77 -20.11
CA GLY B 395 -13.21 5.60 -19.58
C GLY B 395 -13.35 5.63 -18.07
N GLY B 396 -12.37 6.21 -17.40
CA GLY B 396 -12.35 6.26 -15.97
C GLY B 396 -13.20 7.37 -15.43
N ALA B 397 -13.87 8.09 -16.30
CA ALA B 397 -14.75 9.16 -15.86
C ALA B 397 -16.17 8.67 -15.60
N ARG B 398 -16.40 7.38 -15.81
CA ARG B 398 -17.75 6.85 -15.90
C ARG B 398 -18.44 6.67 -14.55
N SER B 399 -17.67 6.52 -13.48
CA SER B 399 -18.23 6.31 -12.16
C SER B 399 -18.60 7.61 -11.44
N GLU B 400 -19.80 7.63 -10.85
CA GLU B 400 -20.22 8.74 -10.03
C GLU B 400 -19.48 8.77 -8.69
N TYR B 401 -19.26 7.60 -8.11
CA TYR B 401 -18.50 7.48 -6.88
C TYR B 401 -17.07 8.03 -7.01
N TRP B 402 -16.38 7.69 -8.09
CA TRP B 402 -14.99 8.08 -8.22
C TRP B 402 -14.77 9.52 -8.67
N ARG B 403 -15.72 10.05 -9.45
CA ARG B 403 -15.74 11.46 -9.75
C ARG B 403 -15.81 12.28 -8.49
N GLN B 404 -16.69 11.87 -7.57
CA GLN B 404 -16.86 12.56 -6.30
C GLN B 404 -15.60 12.48 -5.43
N MET B 405 -15.02 11.30 -5.36
CA MET B 405 -13.76 11.12 -4.66
C MET B 405 -12.71 12.08 -5.18
N LEU B 406 -12.58 12.13 -6.50
CA LEU B 406 -11.59 12.96 -7.17
C LEU B 406 -11.77 14.44 -6.84
N ALA B 407 -13.01 14.89 -6.79
CA ALA B 407 -13.30 16.26 -6.45
C ALA B 407 -12.93 16.56 -5.01
N ASP B 408 -13.24 15.63 -4.11
CA ASP B 408 -12.99 15.79 -2.70
C ASP B 408 -11.50 15.84 -2.43
N ILE B 409 -10.75 15.01 -3.16
CA ILE B 409 -9.31 14.96 -3.04
C ILE B 409 -8.65 16.21 -3.59
N SER B 410 -9.03 16.56 -4.80
CA SER B 410 -8.33 17.56 -5.61
C SER B 410 -8.73 18.95 -5.14
N GLY B 411 -9.94 19.06 -4.62
CA GLY B 411 -10.55 20.31 -4.38
C GLY B 411 -11.05 21.03 -5.64
N GLN B 412 -11.19 20.34 -6.74
CA GLN B 412 -11.77 20.92 -7.94
C GLN B 412 -13.21 20.50 -8.11
N GLN B 413 -14.06 21.40 -8.55
CA GLN B 413 -15.30 21.06 -9.20
C GLN B 413 -15.06 20.32 -10.49
N LEU B 414 -15.64 19.14 -10.60
CA LEU B 414 -15.41 18.28 -11.73
C LEU B 414 -16.68 18.10 -12.53
N ASP B 415 -16.64 18.48 -13.80
CA ASP B 415 -17.78 18.32 -14.69
C ASP B 415 -17.69 17.08 -15.56
N TYR B 416 -18.79 16.33 -15.55
CA TYR B 416 -19.02 15.26 -16.50
C TYR B 416 -20.03 15.64 -17.56
N ARG B 417 -19.65 15.51 -18.81
CA ARG B 417 -20.45 15.99 -19.93
C ARG B 417 -20.83 14.85 -20.86
N THR B 418 -21.79 15.08 -21.73
CA THR B 418 -22.17 14.07 -22.70
C THR B 418 -21.56 14.27 -24.09
N GLY B 419 -20.92 13.22 -24.59
CA GLY B 419 -20.21 13.32 -25.85
C GLY B 419 -18.74 13.67 -25.71
N GLY B 420 -18.24 13.65 -24.49
CA GLY B 420 -16.85 13.96 -24.21
C GLY B 420 -15.87 12.98 -24.82
N ASP B 421 -16.39 12.09 -25.65
CA ASP B 421 -15.80 10.78 -25.90
C ASP B 421 -15.56 10.61 -27.39
N VAL B 422 -15.94 11.61 -28.16
CA VAL B 422 -15.87 11.53 -29.61
C VAL B 422 -14.44 11.80 -30.10
N GLY B 423 -13.71 12.61 -29.36
CA GLY B 423 -12.32 12.88 -29.66
C GLY B 423 -12.09 14.10 -30.54
N PRO B 424 -10.85 14.27 -30.99
CA PRO B 424 -10.45 15.48 -31.71
C PRO B 424 -11.28 15.74 -32.96
N ALA B 425 -11.94 14.70 -33.46
CA ALA B 425 -12.67 14.82 -34.71
C ALA B 425 -13.84 15.79 -34.59
N LEU B 426 -14.49 15.78 -33.43
CA LEU B 426 -15.51 16.76 -33.11
C LEU B 426 -14.99 18.19 -33.11
N GLY B 427 -13.83 18.40 -32.51
CA GLY B 427 -13.16 19.67 -32.57
C GLY B 427 -12.87 20.15 -33.97
N ALA B 428 -12.42 19.25 -34.82
CA ALA B 428 -12.13 19.56 -36.20
C ALA B 428 -13.40 19.97 -36.93
N ALA B 429 -14.48 19.29 -36.61
CA ALA B 429 -15.76 19.61 -37.22
C ALA B 429 -16.25 20.98 -36.78
N ARG B 430 -16.14 21.27 -35.50
CA ARG B 430 -16.52 22.56 -34.96
C ARG B 430 -15.74 23.69 -35.59
N LEU B 431 -14.45 23.46 -35.81
CA LEU B 431 -13.65 24.45 -36.45
C LEU B 431 -14.16 24.74 -37.85
N ALA B 432 -14.59 23.70 -38.55
CA ALA B 432 -15.17 23.89 -39.87
C ALA B 432 -16.43 24.73 -39.79
N GLN B 433 -17.24 24.48 -38.77
CA GLN B 433 -18.54 25.10 -38.62
C GLN B 433 -18.38 26.59 -38.34
N ILE B 434 -17.44 26.91 -37.47
CA ILE B 434 -16.96 28.24 -37.28
C ILE B 434 -16.65 29.00 -38.57
N ALA B 435 -15.77 28.48 -39.39
CA ALA B 435 -15.35 29.13 -40.61
C ALA B 435 -16.48 29.32 -41.60
N ALA B 436 -17.48 28.46 -41.53
CA ALA B 436 -18.62 28.49 -42.41
C ALA B 436 -19.71 29.41 -41.92
N ASN B 437 -19.47 30.08 -40.81
CA ASN B 437 -20.43 31.03 -40.27
C ASN B 437 -19.77 32.33 -39.88
N PRO B 438 -19.07 32.91 -40.84
CA PRO B 438 -18.45 34.23 -40.72
C PRO B 438 -19.36 35.33 -40.17
N GLU B 439 -20.67 35.19 -40.34
CA GLU B 439 -21.61 36.21 -39.94
C GLU B 439 -21.69 36.31 -38.41
N LYS B 440 -21.43 35.21 -37.75
CA LYS B 440 -21.58 35.10 -36.31
C LYS B 440 -20.22 35.26 -35.64
N SER B 441 -20.22 35.75 -34.40
CA SER B 441 -19.01 35.90 -33.62
C SER B 441 -18.49 34.57 -33.13
N LEU B 442 -17.20 34.51 -32.85
CA LEU B 442 -16.55 33.30 -32.38
C LEU B 442 -17.26 32.82 -31.14
N ILE B 443 -17.65 33.77 -30.31
CA ILE B 443 -18.18 33.49 -28.99
C ILE B 443 -19.61 32.93 -29.03
N GLU B 444 -20.30 33.13 -30.14
CA GLU B 444 -21.58 32.48 -30.37
C GLU B 444 -21.43 31.11 -31.00
N LEU B 445 -20.19 30.67 -31.18
CA LEU B 445 -19.88 29.55 -32.03
C LEU B 445 -19.09 28.50 -31.27
N LEU B 446 -19.00 28.68 -29.96
CA LEU B 446 -18.19 27.78 -29.17
C LEU B 446 -18.97 27.02 -28.08
N PRO B 447 -19.82 26.12 -28.51
CA PRO B 447 -20.64 25.35 -27.59
C PRO B 447 -19.80 24.51 -26.65
N GLN B 448 -20.18 24.47 -25.38
CA GLN B 448 -19.83 23.39 -24.47
C GLN B 448 -20.76 22.21 -24.66
N LEU B 449 -20.24 21.02 -24.38
CA LEU B 449 -21.08 19.85 -24.32
C LEU B 449 -22.02 19.89 -23.14
N PRO B 450 -23.16 19.22 -23.27
CA PRO B 450 -24.21 19.27 -22.27
C PRO B 450 -23.69 18.78 -20.94
N LEU B 451 -24.01 19.48 -19.88
CA LEU B 451 -23.59 19.13 -18.54
C LEU B 451 -24.42 17.99 -17.99
N GLU B 452 -23.80 16.85 -17.78
CA GLU B 452 -24.53 15.67 -17.36
C GLU B 452 -24.52 15.48 -15.87
N GLN B 453 -23.37 15.70 -15.26
CA GLN B 453 -23.30 15.84 -13.82
C GLN B 453 -22.16 16.71 -13.37
N SER B 454 -22.39 17.40 -12.28
CA SER B 454 -21.41 18.30 -11.71
C SER B 454 -21.09 17.88 -10.29
N HIS B 455 -19.80 17.88 -9.97
CA HIS B 455 -19.32 17.41 -8.69
C HIS B 455 -18.53 18.50 -8.02
N LEU B 456 -19.13 19.07 -6.97
CA LEU B 456 -18.42 19.93 -6.06
C LEU B 456 -17.77 19.18 -4.92
N PRO B 457 -16.65 19.69 -4.45
CA PRO B 457 -15.91 19.04 -3.38
C PRO B 457 -16.62 19.19 -2.04
N ASP B 458 -16.67 18.11 -1.28
CA ASP B 458 -17.11 18.17 0.09
C ASP B 458 -16.00 18.72 0.96
N ALA B 459 -16.31 19.75 1.71
CA ALA B 459 -15.31 20.51 2.42
C ALA B 459 -14.63 19.70 3.52
N GLN B 460 -15.41 18.94 4.27
CA GLN B 460 -14.86 18.10 5.33
C GLN B 460 -13.97 17.05 4.75
N ARG B 461 -14.46 16.39 3.71
CA ARG B 461 -13.74 15.30 3.11
C ARG B 461 -12.46 15.81 2.47
N TYR B 462 -12.57 16.97 1.83
CA TYR B 462 -11.40 17.62 1.28
C TYR B 462 -10.35 17.90 2.35
N ALA B 463 -10.81 18.35 3.51
CA ALA B 463 -9.91 18.67 4.60
C ALA B 463 -9.27 17.45 5.21
N ALA B 464 -10.03 16.37 5.28
CA ALA B 464 -9.50 15.12 5.76
C ALA B 464 -8.52 14.50 4.78
N TYR B 465 -8.63 14.86 3.51
CA TYR B 465 -7.76 14.29 2.52
C TYR B 465 -6.39 14.96 2.48
N GLN B 466 -6.34 16.22 2.88
CA GLN B 466 -5.12 16.98 2.69
C GLN B 466 -3.92 16.35 3.40
N PRO B 467 -4.08 16.02 4.66
CA PRO B 467 -3.01 15.36 5.38
C PRO B 467 -2.65 14.01 4.79
N ARG B 468 -3.63 13.27 4.30
CA ARG B 468 -3.35 12.04 3.62
C ARG B 468 -2.51 12.26 2.37
N ARG B 469 -2.73 13.39 1.73
CA ARG B 469 -1.99 13.79 0.56
C ARG B 469 -0.54 14.13 0.89
N GLU B 470 -0.33 14.79 2.03
CA GLU B 470 1.02 15.03 2.51
C GLU B 470 1.73 13.70 2.69
N THR B 471 1.06 12.76 3.35
CA THR B 471 1.58 11.42 3.57
C THR B 471 1.89 10.69 2.26
N PHE B 472 0.93 10.71 1.34
CA PHE B 472 1.13 10.18 0.01
C PHE B 472 2.41 10.69 -0.63
N ARG B 473 2.58 12.00 -0.60
CA ARG B 473 3.73 12.63 -1.24
C ARG B 473 5.06 12.15 -0.63
N ARG B 474 5.13 12.14 0.69
CA ARG B 474 6.28 11.66 1.42
C ARG B 474 6.67 10.24 1.06
N LEU B 475 5.68 9.36 1.05
CA LEU B 475 5.92 7.96 0.76
C LEU B 475 6.31 7.74 -0.68
N TYR B 476 5.56 8.36 -1.61
CA TYR B 476 5.92 8.31 -3.01
C TYR B 476 7.37 8.69 -3.20
N GLN B 477 7.76 9.79 -2.56
CA GLN B 477 9.11 10.32 -2.67
C GLN B 477 10.14 9.37 -2.08
N GLN B 478 9.84 8.83 -0.93
CA GLN B 478 10.79 7.96 -0.24
C GLN B 478 11.06 6.65 -0.97
N LEU B 479 10.03 6.06 -1.55
CA LEU B 479 10.19 4.77 -2.21
C LEU B 479 10.56 4.84 -3.68
N LEU B 480 10.49 6.03 -4.27
CA LEU B 480 10.71 6.19 -5.73
C LEU B 480 12.03 5.58 -6.19
N PRO B 481 13.11 5.92 -5.54
CA PRO B 481 14.42 5.39 -5.91
C PRO B 481 14.53 3.90 -5.71
N LEU B 482 13.60 3.31 -4.97
CA LEU B 482 13.58 1.89 -4.77
C LEU B 482 12.91 1.23 -5.96
N MET B 483 11.94 1.93 -6.53
CA MET B 483 11.15 1.42 -7.62
C MET B 483 11.66 1.98 -8.95
N ALA B 484 12.97 1.83 -9.16
CA ALA B 484 13.72 2.59 -10.16
C ALA B 484 15.20 2.25 -10.03
C1 XUL C . 5.72 -9.97 27.72
C2 XUL C . 4.75 -10.98 27.12
C3 XUL C . 3.75 -11.60 28.01
C4 XUL C . 2.42 -11.10 27.54
C5 XUL C . 1.30 -11.30 28.55
O1 XUL C . 6.83 -10.60 28.30
O2 XUL C . 4.42 -10.87 25.75
O3 XUL C . 3.96 -11.07 29.28
O4 XUL C . 2.62 -9.73 27.31
O5 XUL C . 1.85 -11.86 29.71
S SO4 D . 13.37 -12.29 52.17
O1 SO4 D . 13.46 -13.72 51.88
O2 SO4 D . 13.08 -11.55 50.95
O3 SO4 D . 12.29 -12.08 53.14
O4 SO4 D . 14.62 -11.86 52.75
N NH4 E . -14.95 -27.15 58.56
N NH4 F . -0.32 -45.77 35.63
N NH4 G . -3.39 0.53 24.52
N NH4 H . 14.07 -3.40 54.07
N NH4 I . 21.89 -1.85 7.78
N NH4 J . -17.71 5.22 30.34
N NH4 K . -13.12 -4.75 25.96
C1 XUL L . 1.75 15.82 -27.96
C2 XUL L . 0.68 14.76 -27.76
C3 XUL L . 0.69 13.50 -28.58
C4 XUL L . 0.25 12.31 -27.75
C5 XUL L . -0.59 11.32 -28.52
O1 XUL L . 2.29 16.25 -26.74
O2 XUL L . -0.29 14.99 -26.78
O3 XUL L . -0.10 13.60 -29.75
O4 XUL L . -0.47 12.70 -26.61
O5 XUL L . -1.11 10.41 -27.59
S SO4 M . -10.14 5.51 -23.05
O1 SO4 M . -10.65 6.85 -22.84
O2 SO4 M . -10.92 4.86 -24.09
O3 SO4 M . -10.22 4.71 -21.84
O4 SO4 M . -8.76 5.62 -23.49
N NH4 N . 28.17 16.57 -36.06
N NH4 O . -3.24 -1.52 -44.58
N NH4 P . -14.07 -3.98 -48.24
N NH4 Q . -25.04 27.97 -49.84
N NH4 R . -22.20 -2.63 -8.79
#